data_7POE
#
_entry.id   7POE
#
_cell.length_a   105.902
_cell.length_b   105.902
_cell.length_c   83.260
_cell.angle_alpha   90.000
_cell.angle_beta   90.000
_cell.angle_gamma   90.000
#
_symmetry.space_group_name_H-M   'P 41'
#
loop_
_entity.id
_entity.type
_entity.pdbx_description
1 polymer 'Glycerol-3-phosphate phosphatase'
2 non-polymer '2-[[4-[4-[(2-carboxyphenyl)carbamoyl]phenoxy]phenyl]carbonylamino]benzoic acid'
3 non-polymer GLYCEROL
4 non-polymer 'POTASSIUM ION'
5 water water
#
_entity_poly.entity_id   1
_entity_poly.type   'polypeptide(L)'
_entity_poly.pdbx_seq_one_letter_code
;MAEAEAGGDEARCVRLSAERAKLLLAEVDTLLFNCDGVLWRGETAVPGAPETLRALRARGKRLGFITNNSSKTRTAYAEK
LRRLGFGGPVGPEAGLEVFGTAYCSALYLRQRLAGVPDPKAYVLGSPALAAELEAVGVTSVGVGPDVLHGDGPSDWLAVP
LEPDVRAVVVGFDPHFSYMKLTKAVRYLQQPDCLLVGTNMDNRLPLENGRFIAGTGCLVRAVEMAAQRQADIIGKPSRFI
FDCVSQEYGINPERTVMVGDRLDTDILLGSTCSLKTILTLTGVSSLEDVKSNQESDSMFKKKMVPDFYVDSIADLLPALQ
G
;
_entity_poly.pdbx_strand_id   A,B
#
loop_
_chem_comp.id
_chem_comp.type
_chem_comp.name
_chem_comp.formula
7VK non-polymer '2-[[4-[4-[(2-carboxyphenyl)carbamoyl]phenoxy]phenyl]carbonylamino]benzoic acid' 'C28 H20 N2 O7'
GOL non-polymer GLYCEROL 'C3 H8 O3'
K non-polymer 'POTASSIUM ION' 'K 1'
#
# COMPACT_ATOMS: atom_id res chain seq x y z
N ALA A 11 -11.56 14.62 -26.58
CA ALA A 11 -11.69 13.52 -25.64
C ALA A 11 -12.92 12.67 -25.94
N ARG A 12 -13.06 12.24 -27.19
CA ARG A 12 -14.19 11.41 -27.58
C ARG A 12 -13.80 9.96 -27.90
N CYS A 13 -12.52 9.61 -27.79
CA CYS A 13 -12.05 8.25 -28.00
C CYS A 13 -12.52 7.70 -29.35
N VAL A 14 -12.23 8.47 -30.41
CA VAL A 14 -12.62 8.07 -31.76
C VAL A 14 -11.60 7.07 -32.30
N ARG A 15 -12.09 6.03 -32.98
CA ARG A 15 -11.18 5.06 -33.57
C ARG A 15 -10.28 5.77 -34.59
N LEU A 16 -8.99 5.44 -34.56
CA LEU A 16 -8.03 6.06 -35.46
C LEU A 16 -8.08 5.33 -36.80
N SER A 17 -9.02 5.75 -37.64
CA SER A 17 -9.12 5.19 -38.98
C SER A 17 -7.93 5.66 -39.81
N ALA A 18 -7.73 5.01 -40.96
CA ALA A 18 -6.57 5.33 -41.79
C ALA A 18 -6.58 6.80 -42.20
N GLU A 19 -7.76 7.33 -42.54
CA GLU A 19 -7.88 8.75 -42.90
C GLU A 19 -7.52 9.62 -41.71
N ARG A 20 -8.12 9.34 -40.55
CA ARG A 20 -7.81 10.11 -39.35
C ARG A 20 -6.32 10.00 -39.01
N ALA A 21 -5.76 8.81 -39.19
CA ALA A 21 -4.34 8.62 -38.90
C ALA A 21 -3.48 9.47 -39.83
N LYS A 22 -3.80 9.53 -41.12
CA LYS A 22 -2.99 10.32 -42.04
C LYS A 22 -3.05 11.80 -41.66
N LEU A 23 -4.25 12.31 -41.36
CA LEU A 23 -4.35 13.72 -40.96
C LEU A 23 -3.58 13.98 -39.66
N LEU A 24 -3.79 13.14 -38.66
CA LEU A 24 -3.11 13.32 -37.37
C LEU A 24 -1.60 13.27 -37.54
N LEU A 25 -1.10 12.32 -38.35
CA LEU A 25 0.33 12.25 -38.60
C LEU A 25 0.82 13.51 -39.30
N ALA A 26 0.00 14.07 -40.19
CA ALA A 26 0.38 15.31 -40.87
C ALA A 26 0.56 16.45 -39.88
N GLU A 27 -0.32 16.56 -38.89
CA GLU A 27 -0.20 17.71 -37.99
C GLU A 27 0.82 17.51 -36.86
N VAL A 28 1.28 16.28 -36.61
CA VAL A 28 2.21 16.00 -35.52
C VAL A 28 3.51 15.49 -36.11
N ASP A 29 4.64 16.06 -35.64
CA ASP A 29 5.95 15.66 -36.10
C ASP A 29 6.72 14.85 -35.06
N THR A 30 6.15 14.65 -33.87
CA THR A 30 6.77 13.81 -32.85
C THR A 30 5.74 12.85 -32.27
N LEU A 31 6.16 11.60 -32.09
CA LEU A 31 5.32 10.57 -31.49
C LEU A 31 6.11 9.89 -30.39
N LEU A 32 5.56 9.86 -29.18
CA LEU A 32 6.15 9.24 -28.01
C LEU A 32 5.35 8.00 -27.68
N PHE A 33 6.05 6.91 -27.34
CA PHE A 33 5.43 5.61 -27.15
C PHE A 33 5.76 5.07 -25.76
N ASN A 34 4.88 4.21 -25.26
CA ASN A 34 5.14 3.41 -24.07
C ASN A 34 5.64 2.04 -24.50
N CYS A 35 6.81 1.65 -24.03
CA CYS A 35 7.45 0.44 -24.53
C CYS A 35 6.64 -0.81 -24.18
N ASP A 36 6.15 -0.90 -22.94
CA ASP A 36 5.47 -2.09 -22.46
C ASP A 36 3.97 -2.00 -22.72
N GLY A 37 3.44 -2.97 -23.46
CA GLY A 37 2.01 -3.03 -23.73
C GLY A 37 1.57 -2.31 -24.98
N VAL A 38 2.44 -1.50 -25.57
CA VAL A 38 2.18 -0.83 -26.84
C VAL A 38 3.08 -1.39 -27.93
N LEU A 39 4.40 -1.26 -27.75
CA LEU A 39 5.35 -1.77 -28.73
C LEU A 39 5.57 -3.27 -28.57
N TRP A 40 5.77 -3.74 -27.34
CA TRP A 40 6.05 -5.16 -27.17
C TRP A 40 5.60 -5.63 -25.79
N ARG A 41 5.34 -6.94 -25.70
CA ARG A 41 5.01 -7.62 -24.45
C ARG A 41 6.05 -8.70 -24.24
N GLY A 42 6.73 -8.66 -23.10
CA GLY A 42 7.86 -9.58 -22.91
C GLY A 42 8.93 -9.32 -23.96
N GLU A 43 9.38 -10.39 -24.61
CA GLU A 43 10.27 -10.28 -25.76
C GLU A 43 9.51 -10.45 -27.08
N THR A 44 8.19 -10.51 -27.03
CA THR A 44 7.36 -10.71 -28.22
C THR A 44 6.79 -9.36 -28.63
N ALA A 45 7.12 -8.92 -29.84
CA ALA A 45 6.68 -7.63 -30.32
C ALA A 45 5.21 -7.66 -30.69
N VAL A 46 4.53 -6.55 -30.47
CA VAL A 46 3.15 -6.44 -30.99
C VAL A 46 3.20 -6.61 -32.49
N PRO A 47 2.40 -7.49 -33.08
CA PRO A 47 2.58 -7.82 -34.51
C PRO A 47 2.42 -6.59 -35.40
N GLY A 48 3.45 -6.33 -36.21
CA GLY A 48 3.46 -5.20 -37.11
C GLY A 48 4.00 -3.91 -36.52
N ALA A 49 4.18 -3.84 -35.20
CA ALA A 49 4.65 -2.61 -34.58
C ALA A 49 6.02 -2.17 -35.06
N PRO A 50 7.02 -3.06 -35.19
CA PRO A 50 8.33 -2.60 -35.66
C PRO A 50 8.24 -1.91 -36.99
N GLU A 51 7.46 -2.46 -37.92
CA GLU A 51 7.30 -1.85 -39.22
C GLU A 51 6.65 -0.48 -39.11
N THR A 52 5.69 -0.32 -38.20
CA THR A 52 5.04 0.98 -38.03
C THR A 52 6.06 2.03 -37.60
N LEU A 53 6.89 1.71 -36.59
CA LEU A 53 7.85 2.69 -36.12
C LEU A 53 8.93 2.95 -37.16
N ARG A 54 9.33 1.92 -37.90
CA ARG A 54 10.29 2.11 -38.99
C ARG A 54 9.72 3.03 -40.07
N ALA A 55 8.45 2.83 -40.42
CA ALA A 55 7.80 3.70 -41.39
C ALA A 55 7.74 5.13 -40.88
N LEU A 56 7.49 5.29 -39.57
CA LEU A 56 7.48 6.63 -38.98
C LEU A 56 8.86 7.28 -39.08
N ARG A 57 9.92 6.49 -38.88
CA ARG A 57 11.27 7.02 -39.07
C ARG A 57 11.47 7.47 -40.53
N ALA A 58 10.99 6.64 -41.47
CA ALA A 58 11.16 6.95 -42.89
C ALA A 58 10.41 8.21 -43.27
N ARG A 59 9.18 8.37 -42.76
CA ARG A 59 8.40 9.58 -42.97
C ARG A 59 9.00 10.80 -42.29
N GLY A 60 10.02 10.61 -41.46
CA GLY A 60 10.65 11.72 -40.79
C GLY A 60 10.10 12.06 -39.43
N LYS A 61 9.07 11.35 -38.97
CA LYS A 61 8.52 11.63 -37.66
C LYS A 61 9.56 11.28 -36.60
N ARG A 62 9.76 12.17 -35.63
CA ARG A 62 10.67 11.91 -34.52
C ARG A 62 9.96 11.04 -33.49
N LEU A 63 10.59 9.93 -33.13
CA LEU A 63 10.01 8.98 -32.19
C LEU A 63 10.78 8.98 -30.88
N GLY A 64 10.04 9.06 -29.77
CA GLY A 64 10.62 8.99 -28.45
C GLY A 64 9.88 7.97 -27.60
N PHE A 65 10.53 7.53 -26.52
CA PHE A 65 9.99 6.47 -25.69
C PHE A 65 10.00 6.85 -24.22
N ILE A 66 8.85 6.68 -23.58
CA ILE A 66 8.68 6.90 -22.14
C ILE A 66 8.16 5.60 -21.53
N THR A 67 8.82 5.13 -20.48
CA THR A 67 8.41 3.90 -19.81
C THR A 67 8.55 4.05 -18.30
N ASN A 68 7.71 3.32 -17.56
CA ASN A 68 7.74 3.33 -16.10
C ASN A 68 8.56 2.20 -15.51
N ASN A 69 9.23 1.40 -16.32
CA ASN A 69 10.01 0.26 -15.84
C ASN A 69 11.37 0.71 -15.36
N SER A 70 11.65 0.51 -14.07
CA SER A 70 12.96 0.81 -13.50
C SER A 70 13.94 -0.34 -13.63
N SER A 71 13.47 -1.51 -14.08
CA SER A 71 14.32 -2.69 -14.12
C SER A 71 15.41 -2.59 -15.18
N LYS A 72 15.15 -1.85 -16.25
CA LYS A 72 16.01 -1.80 -17.43
C LYS A 72 16.67 -0.43 -17.54
N THR A 73 17.95 -0.44 -17.90
CA THR A 73 18.66 0.82 -18.11
C THR A 73 18.27 1.45 -19.45
N ARG A 74 18.69 2.71 -19.63
CA ARG A 74 18.47 3.40 -20.90
C ARG A 74 19.12 2.65 -22.05
N THR A 75 20.40 2.28 -21.88
CA THR A 75 21.12 1.59 -22.93
C THR A 75 20.48 0.24 -23.25
N ALA A 76 20.03 -0.48 -22.23
CA ALA A 76 19.41 -1.78 -22.44
C ALA A 76 18.11 -1.65 -23.22
N TYR A 77 17.28 -0.68 -22.87
CA TYR A 77 16.04 -0.48 -23.62
C TYR A 77 16.37 -0.16 -25.08
N ALA A 78 17.42 0.63 -25.32
CA ALA A 78 17.81 0.92 -26.70
C ALA A 78 18.24 -0.35 -27.43
N GLU A 79 18.98 -1.22 -26.76
CA GLU A 79 19.37 -2.49 -27.37
C GLU A 79 18.13 -3.31 -27.71
N LYS A 80 17.13 -3.30 -26.84
CA LYS A 80 15.89 -4.02 -27.15
C LYS A 80 15.22 -3.42 -28.38
N LEU A 81 15.24 -2.09 -28.50
CA LEU A 81 14.59 -1.45 -29.64
C LEU A 81 15.27 -1.85 -30.96
N ARG A 82 16.60 -1.83 -31.01
CA ARG A 82 17.25 -2.24 -32.25
C ARG A 82 17.09 -3.74 -32.49
N ARG A 83 17.16 -4.56 -31.42
CA ARG A 83 17.03 -6.00 -31.58
C ARG A 83 15.68 -6.38 -32.16
N LEU A 84 14.61 -5.75 -31.70
CA LEU A 84 13.27 -6.11 -32.16
C LEU A 84 12.84 -5.35 -33.41
N GLY A 85 13.73 -4.54 -33.99
CA GLY A 85 13.47 -3.91 -35.27
C GLY A 85 12.69 -2.61 -35.23
N PHE A 86 12.71 -1.91 -34.10
CA PHE A 86 12.03 -0.63 -34.01
C PHE A 86 12.89 0.53 -34.51
N GLY A 87 14.10 0.24 -35.00
CA GLY A 87 14.85 1.17 -35.80
C GLY A 87 15.25 2.49 -35.16
N GLY A 88 15.76 2.44 -33.94
CA GLY A 88 16.37 3.62 -33.35
C GLY A 88 17.72 3.86 -33.94
N PRO A 89 18.29 5.05 -33.63
CA PRO A 89 19.66 5.32 -34.09
C PRO A 89 20.62 4.37 -33.40
N VAL A 90 21.61 3.87 -34.15
CA VAL A 90 22.52 2.86 -33.64
C VAL A 90 23.68 3.54 -32.91
N GLY A 91 24.32 2.80 -32.01
CA GLY A 91 25.41 3.33 -31.24
C GLY A 91 24.94 3.94 -29.94
N PRO A 92 25.76 4.83 -29.36
CA PRO A 92 25.35 5.45 -28.08
C PRO A 92 24.12 6.31 -28.19
N GLU A 93 23.92 7.01 -29.31
CA GLU A 93 22.79 7.92 -29.42
C GLU A 93 21.45 7.20 -29.25
N ALA A 94 21.42 5.88 -29.42
CA ALA A 94 20.18 5.14 -29.20
C ALA A 94 19.60 5.50 -27.84
N GLY A 95 20.45 5.55 -26.81
CA GLY A 95 19.97 5.84 -25.47
C GLY A 95 19.21 7.15 -25.37
N LEU A 96 19.60 8.14 -26.19
CA LEU A 96 18.94 9.44 -26.12
C LEU A 96 17.46 9.35 -26.41
N GLU A 97 17.04 8.37 -27.21
CA GLU A 97 15.63 8.27 -27.57
C GLU A 97 14.77 7.80 -26.40
N VAL A 98 15.33 6.96 -25.51
CA VAL A 98 14.54 6.32 -24.46
C VAL A 98 14.62 7.13 -23.17
N PHE A 99 13.46 7.32 -22.53
CA PHE A 99 13.37 7.94 -21.21
C PHE A 99 12.64 6.98 -20.29
N GLY A 100 13.31 6.57 -19.21
CA GLY A 100 12.75 5.58 -18.31
C GLY A 100 12.84 6.04 -16.87
N THR A 101 12.05 5.38 -16.01
CA THR A 101 11.96 5.80 -14.62
C THR A 101 13.30 5.73 -13.91
N ALA A 102 14.17 4.78 -14.29
CA ALA A 102 15.48 4.70 -13.66
C ALA A 102 16.31 5.95 -13.98
N TYR A 103 16.43 6.28 -15.27
CA TYR A 103 17.21 7.44 -15.68
C TYR A 103 16.59 8.73 -15.15
N CYS A 104 15.27 8.87 -15.25
CA CYS A 104 14.61 10.08 -14.78
C CYS A 104 14.76 10.21 -13.27
N SER A 105 14.70 9.10 -12.54
CA SER A 105 14.94 9.15 -11.10
C SER A 105 16.35 9.61 -10.80
N ALA A 106 17.33 9.10 -11.56
CA ALA A 106 18.70 9.55 -11.36
C ALA A 106 18.83 11.06 -11.59
N LEU A 107 18.15 11.59 -12.61
CA LEU A 107 18.19 13.03 -12.85
C LEU A 107 17.53 13.80 -11.71
N TYR A 108 16.39 13.31 -11.22
CA TYR A 108 15.73 13.94 -10.09
C TYR A 108 16.66 14.01 -8.89
N LEU A 109 17.37 12.93 -8.61
CA LEU A 109 18.30 12.93 -7.48
C LEU A 109 19.51 13.82 -7.78
N ARG A 110 19.89 13.98 -9.05
CA ARG A 110 20.94 14.94 -9.38
C ARG A 110 20.52 16.34 -8.99
N GLN A 111 19.26 16.70 -9.26
CA GLN A 111 18.80 18.03 -8.89
C GLN A 111 18.66 18.16 -7.37
N ARG A 112 17.96 17.22 -6.73
CA ARG A 112 17.67 17.37 -5.31
C ARG A 112 18.94 17.18 -4.48
N LEU A 113 19.79 16.23 -4.83
CA LEU A 113 21.01 15.98 -4.09
C LEU A 113 22.19 16.78 -4.63
N ALA A 114 21.92 17.84 -5.40
CA ALA A 114 22.98 18.70 -5.90
C ALA A 114 23.72 19.35 -4.74
N GLY A 115 25.05 19.37 -4.82
CA GLY A 115 25.86 19.93 -3.76
C GLY A 115 26.11 19.01 -2.59
N VAL A 116 25.67 17.76 -2.65
CA VAL A 116 25.89 16.79 -1.58
C VAL A 116 27.16 15.99 -1.82
N PRO A 117 28.05 15.87 -0.83
CA PRO A 117 29.25 15.06 -1.01
C PRO A 117 28.95 13.56 -0.85
N ASP A 118 29.51 12.77 -1.76
CA ASP A 118 29.37 11.32 -1.72
C ASP A 118 27.90 10.93 -1.54
N PRO A 119 27.01 11.37 -2.42
CA PRO A 119 25.58 11.12 -2.20
C PRO A 119 25.27 9.63 -2.18
N LYS A 120 24.44 9.23 -1.22
CA LYS A 120 24.03 7.85 -1.05
C LYS A 120 22.52 7.77 -0.86
N ALA A 121 21.93 6.64 -1.27
CA ALA A 121 20.50 6.44 -1.11
C ALA A 121 20.23 4.97 -0.81
N TYR A 122 19.13 4.70 -0.10
CA TYR A 122 18.65 3.33 0.13
C TYR A 122 17.66 3.03 -0.98
N VAL A 123 18.08 2.19 -1.93
CA VAL A 123 17.29 1.87 -3.12
C VAL A 123 16.69 0.49 -2.93
N LEU A 124 15.37 0.43 -2.76
CA LEU A 124 14.62 -0.82 -2.80
C LEU A 124 14.29 -1.10 -4.27
N GLY A 125 15.28 -1.56 -5.01
CA GLY A 125 15.11 -1.61 -6.45
C GLY A 125 16.03 -2.58 -7.17
N SER A 126 16.02 -2.43 -8.49
CA SER A 126 16.73 -3.30 -9.42
C SER A 126 18.20 -2.93 -9.52
N PRO A 127 19.02 -3.81 -10.11
CA PRO A 127 20.42 -3.41 -10.38
C PRO A 127 20.51 -2.26 -11.35
N ALA A 128 19.62 -2.23 -12.34
CA ALA A 128 19.65 -1.16 -13.34
C ALA A 128 19.35 0.20 -12.73
N LEU A 129 18.41 0.26 -11.79
CA LEU A 129 18.10 1.53 -11.13
C LEU A 129 19.33 2.06 -10.41
N ALA A 130 19.99 1.19 -9.65
CA ALA A 130 21.22 1.59 -8.96
C ALA A 130 22.29 2.00 -9.95
N ALA A 131 22.35 1.34 -11.12
CA ALA A 131 23.36 1.67 -12.11
C ALA A 131 23.15 3.07 -12.68
N GLU A 132 21.90 3.40 -13.01
CA GLU A 132 21.62 4.75 -13.50
C GLU A 132 21.97 5.79 -12.44
N LEU A 133 21.59 5.53 -11.19
CA LEU A 133 21.98 6.42 -10.11
C LEU A 133 23.50 6.55 -10.02
N GLU A 134 24.22 5.44 -10.19
CA GLU A 134 25.67 5.44 -10.10
C GLU A 134 26.27 6.31 -11.19
N ALA A 135 25.75 6.21 -12.41
CA ALA A 135 26.25 7.05 -13.49
C ALA A 135 26.06 8.51 -13.16
N VAL A 136 24.92 8.87 -12.57
CA VAL A 136 24.73 10.25 -12.14
C VAL A 136 25.66 10.62 -10.99
N GLY A 137 26.20 9.64 -10.27
CA GLY A 137 27.09 9.89 -9.15
C GLY A 137 26.50 9.53 -7.80
N VAL A 138 25.25 9.09 -7.76
CA VAL A 138 24.57 8.74 -6.52
C VAL A 138 24.83 7.28 -6.20
N THR A 139 25.43 7.04 -5.03
CA THR A 139 25.68 5.68 -4.57
C THR A 139 24.38 5.02 -4.08
N SER A 140 24.35 3.69 -4.21
CA SER A 140 23.15 2.89 -3.92
C SER A 140 23.44 1.90 -2.79
N VAL A 141 22.44 1.71 -1.93
CA VAL A 141 22.55 0.78 -0.80
C VAL A 141 21.27 -0.05 -0.74
N GLY A 142 21.43 -1.34 -0.42
CA GLY A 142 20.28 -2.19 -0.17
C GLY A 142 19.77 -3.00 -1.34
N VAL A 143 20.32 -2.81 -2.55
CA VAL A 143 19.83 -3.55 -3.70
C VAL A 143 20.20 -5.02 -3.54
N GLY A 144 19.19 -5.86 -3.43
CA GLY A 144 19.42 -7.27 -3.19
C GLY A 144 18.57 -7.78 -2.05
N PRO A 145 18.75 -9.06 -1.71
CA PRO A 145 17.93 -9.64 -0.65
C PRO A 145 18.32 -9.13 0.72
N ASP A 146 17.30 -8.90 1.56
CA ASP A 146 17.47 -8.52 2.96
C ASP A 146 16.40 -9.29 3.74
N VAL A 147 16.64 -10.60 3.92
CA VAL A 147 15.67 -11.44 4.62
C VAL A 147 15.61 -11.02 6.09
N LEU A 148 14.41 -11.07 6.66
CA LEU A 148 14.23 -10.69 8.05
C LEU A 148 14.66 -11.83 8.95
N HIS A 149 15.51 -11.52 9.92
CA HIS A 149 15.90 -12.46 10.97
C HIS A 149 15.82 -11.75 12.30
N GLY A 150 15.36 -12.48 13.31
CA GLY A 150 15.12 -11.91 14.62
C GLY A 150 13.73 -12.36 15.06
N ASP A 151 13.56 -12.53 16.36
CA ASP A 151 12.30 -13.03 16.91
C ASP A 151 11.31 -11.94 17.22
N GLY A 152 11.74 -10.67 17.32
CA GLY A 152 10.84 -9.62 17.72
C GLY A 152 11.22 -8.24 17.20
N PRO A 153 10.40 -7.24 17.50
CA PRO A 153 10.64 -5.89 16.95
C PRO A 153 11.97 -5.27 17.35
N SER A 154 12.37 -5.43 18.61
CA SER A 154 13.61 -4.81 19.07
C SER A 154 14.80 -5.30 18.26
N ASP A 155 14.86 -6.60 17.98
CA ASP A 155 15.95 -7.15 17.18
C ASP A 155 15.97 -6.54 15.79
N TRP A 156 14.78 -6.39 15.17
CA TRP A 156 14.72 -5.84 13.82
C TRP A 156 15.19 -4.39 13.81
N LEU A 157 14.76 -3.59 14.78
CA LEU A 157 15.18 -2.19 14.81
C LEU A 157 16.63 -2.04 15.24
N ALA A 158 17.22 -3.07 15.85
CA ALA A 158 18.61 -3.00 16.26
C ALA A 158 19.57 -3.23 15.10
N VAL A 159 19.10 -3.78 13.98
CA VAL A 159 20.01 -4.04 12.87
C VAL A 159 20.66 -2.73 12.44
N PRO A 160 21.97 -2.70 12.19
CA PRO A 160 22.62 -1.43 11.85
C PRO A 160 22.21 -0.90 10.49
N LEU A 161 22.30 0.42 10.37
CA LEU A 161 22.01 1.13 9.13
C LEU A 161 23.27 1.86 8.67
N GLU A 162 23.38 2.08 7.37
CA GLU A 162 24.52 2.81 6.84
C GLU A 162 24.45 4.27 7.29
N PRO A 163 25.60 4.92 7.50
CA PRO A 163 25.58 6.24 8.16
C PRO A 163 24.88 7.33 7.38
N ASP A 164 25.14 7.45 6.07
CA ASP A 164 24.71 8.61 5.29
C ASP A 164 23.75 8.18 4.18
N VAL A 165 22.45 8.30 4.44
CA VAL A 165 21.41 8.06 3.45
C VAL A 165 20.54 9.32 3.37
N ARG A 166 20.60 10.02 2.24
CA ARG A 166 19.84 11.25 2.06
C ARG A 166 18.58 11.05 1.22
N ALA A 167 18.33 9.83 0.73
CA ALA A 167 17.11 9.56 -0.02
C ALA A 167 16.82 8.07 0.03
N VAL A 168 15.54 7.74 -0.09
CA VAL A 168 15.08 6.36 -0.24
C VAL A 168 14.30 6.30 -1.55
N VAL A 169 14.71 5.41 -2.44
CA VAL A 169 14.06 5.24 -3.73
C VAL A 169 13.36 3.89 -3.75
N VAL A 170 12.04 3.91 -3.87
CA VAL A 170 11.24 2.70 -3.93
C VAL A 170 10.97 2.43 -5.40
N GLY A 171 11.59 1.38 -5.92
CA GLY A 171 11.37 0.94 -7.29
C GLY A 171 11.06 -0.55 -7.28
N PHE A 172 10.77 -1.07 -8.46
CA PHE A 172 10.40 -2.48 -8.51
C PHE A 172 11.49 -3.31 -7.83
N ASP A 173 11.12 -3.99 -6.76
CA ASP A 173 12.07 -4.78 -5.97
C ASP A 173 11.49 -6.17 -5.74
N PRO A 174 11.99 -7.20 -6.42
CA PRO A 174 11.50 -8.55 -6.13
C PRO A 174 11.90 -9.05 -4.76
N HIS A 175 12.90 -8.44 -4.14
CA HIS A 175 13.36 -8.83 -2.82
C HIS A 175 12.72 -8.02 -1.70
N PHE A 176 11.65 -7.27 -2.00
CA PHE A 176 10.99 -6.45 -0.98
C PHE A 176 10.59 -7.33 0.20
N SER A 177 10.89 -6.86 1.40
CA SER A 177 10.60 -7.60 2.62
C SER A 177 10.27 -6.61 3.73
N TYR A 178 9.76 -7.14 4.84
CA TYR A 178 9.44 -6.27 5.96
C TYR A 178 10.69 -5.61 6.53
N MET A 179 11.84 -6.28 6.47
CA MET A 179 13.08 -5.66 6.92
C MET A 179 13.42 -4.44 6.10
N LYS A 180 13.26 -4.54 4.77
CA LYS A 180 13.52 -3.37 3.91
C LYS A 180 12.54 -2.25 4.20
N LEU A 181 11.27 -2.59 4.47
CA LEU A 181 10.29 -1.57 4.82
C LEU A 181 10.66 -0.87 6.11
N THR A 182 11.07 -1.64 7.13
CA THR A 182 11.48 -1.06 8.40
C THR A 182 12.70 -0.17 8.24
N LYS A 183 13.69 -0.64 7.49
CA LYS A 183 14.89 0.17 7.28
C LYS A 183 14.55 1.45 6.53
N ALA A 184 13.67 1.36 5.52
CA ALA A 184 13.26 2.54 4.78
C ALA A 184 12.55 3.53 5.69
N VAL A 185 11.68 3.02 6.57
CA VAL A 185 11.00 3.89 7.54
C VAL A 185 12.03 4.61 8.41
N ARG A 186 13.00 3.86 8.92
CA ARG A 186 14.01 4.45 9.78
C ARG A 186 14.81 5.52 9.05
N TYR A 187 15.23 5.23 7.82
CA TYR A 187 15.97 6.22 7.04
C TYR A 187 15.11 7.47 6.79
N LEU A 188 13.83 7.27 6.47
CA LEU A 188 12.94 8.38 6.17
C LEU A 188 12.55 9.15 7.42
N GLN A 189 12.85 8.61 8.60
CA GLN A 189 12.56 9.35 9.84
C GLN A 189 13.35 10.66 9.89
N GLN A 190 14.59 10.66 9.38
CA GLN A 190 15.32 11.91 9.27
C GLN A 190 14.59 12.84 8.29
N PRO A 191 14.34 14.09 8.66
CA PRO A 191 13.55 14.96 7.79
C PRO A 191 14.21 15.25 6.45
N ASP A 192 15.55 15.34 6.42
CA ASP A 192 16.24 15.64 5.17
C ASP A 192 16.04 14.55 4.13
N CYS A 193 15.95 13.29 4.57
CA CYS A 193 15.89 12.18 3.64
C CYS A 193 14.66 12.29 2.75
N LEU A 194 14.87 12.22 1.44
CA LEU A 194 13.81 12.30 0.45
C LEU A 194 13.20 10.93 0.18
N LEU A 195 11.94 10.93 -0.22
CA LEU A 195 11.24 9.72 -0.63
C LEU A 195 10.89 9.86 -2.11
N VAL A 196 11.43 8.96 -2.93
CA VAL A 196 11.23 8.99 -4.36
C VAL A 196 10.66 7.64 -4.78
N GLY A 197 9.58 7.67 -5.56
CA GLY A 197 8.98 6.46 -6.10
C GLY A 197 9.11 6.45 -7.61
N THR A 198 9.70 5.37 -8.14
CA THR A 198 9.94 5.30 -9.57
C THR A 198 8.62 5.40 -10.35
N ASN A 199 7.61 4.66 -9.91
CA ASN A 199 6.30 4.67 -10.57
C ASN A 199 5.26 4.17 -9.58
N MET A 200 3.99 4.44 -9.90
CA MET A 200 2.89 4.09 -9.01
C MET A 200 1.83 3.21 -9.67
N ASP A 201 2.26 2.17 -10.37
CA ASP A 201 1.36 1.23 -11.04
C ASP A 201 1.03 0.06 -10.13
N ASN A 202 -0.27 -0.25 -9.99
CA ASN A 202 -0.66 -1.35 -9.11
C ASN A 202 -0.32 -2.70 -9.73
N ARG A 203 -0.51 -2.84 -11.04
CA ARG A 203 -0.18 -4.06 -11.74
C ARG A 203 0.61 -3.76 -13.01
N LEU A 204 1.51 -4.68 -13.36
CA LEU A 204 2.23 -4.59 -14.61
C LEU A 204 1.90 -5.79 -15.47
N PRO A 205 1.62 -5.56 -16.77
CA PRO A 205 1.21 -6.65 -17.65
C PRO A 205 2.38 -7.47 -18.12
N LEU A 206 2.12 -8.75 -18.38
CA LEU A 206 3.10 -9.68 -18.92
C LEU A 206 2.47 -10.38 -20.10
N GLU A 207 3.30 -11.02 -20.91
CA GLU A 207 2.76 -11.74 -22.05
C GLU A 207 1.84 -12.86 -21.57
N ASN A 208 0.91 -13.25 -22.45
CA ASN A 208 -0.05 -14.32 -22.21
C ASN A 208 -1.21 -13.90 -21.31
N GLY A 209 -1.47 -12.60 -21.18
CA GLY A 209 -2.58 -12.13 -20.37
C GLY A 209 -2.43 -12.33 -18.88
N ARG A 210 -1.23 -12.61 -18.40
CA ARG A 210 -0.91 -12.70 -16.99
C ARG A 210 -0.33 -11.38 -16.52
N PHE A 211 -0.39 -11.15 -15.21
CA PHE A 211 0.13 -9.89 -14.67
C PHE A 211 0.71 -10.11 -13.29
N ILE A 212 1.62 -9.20 -12.89
CA ILE A 212 2.19 -9.27 -11.54
C ILE A 212 2.04 -7.91 -10.87
N ALA A 213 2.28 -7.91 -9.56
CA ALA A 213 2.15 -6.70 -8.76
C ALA A 213 3.19 -5.65 -9.17
N GLY A 214 2.81 -4.39 -9.00
CA GLY A 214 3.59 -3.27 -9.48
C GLY A 214 4.35 -2.54 -8.38
N THR A 215 5.30 -1.71 -8.82
CA THR A 215 6.08 -0.91 -7.89
C THR A 215 5.17 -0.05 -7.01
N GLY A 216 4.02 0.37 -7.55
CA GLY A 216 3.13 1.22 -6.79
C GLY A 216 2.72 0.63 -5.45
N CYS A 217 2.47 -0.68 -5.41
CA CYS A 217 2.11 -1.32 -4.14
C CYS A 217 3.20 -1.12 -3.10
N LEU A 218 4.46 -1.36 -3.50
CA LEU A 218 5.58 -1.16 -2.58
C LEU A 218 5.69 0.29 -2.15
N VAL A 219 5.54 1.21 -3.09
CA VAL A 219 5.71 2.62 -2.76
C VAL A 219 4.62 3.06 -1.81
N ARG A 220 3.38 2.58 -2.00
CA ARG A 220 2.32 2.95 -1.08
C ARG A 220 2.56 2.36 0.30
N ALA A 221 3.14 1.16 0.38
CA ALA A 221 3.44 0.61 1.69
C ALA A 221 4.45 1.49 2.41
N VAL A 222 5.52 1.89 1.72
CA VAL A 222 6.53 2.75 2.34
C VAL A 222 5.92 4.10 2.71
N GLU A 223 5.12 4.69 1.80
CA GLU A 223 4.46 5.95 2.08
C GLU A 223 3.65 5.86 3.37
N MET A 224 2.76 4.85 3.46
CA MET A 224 1.94 4.71 4.65
C MET A 224 2.79 4.52 5.90
N ALA A 225 3.85 3.72 5.81
CA ALA A 225 4.65 3.44 7.00
C ALA A 225 5.41 4.68 7.46
N ALA A 226 5.86 5.50 6.52
CA ALA A 226 6.60 6.71 6.86
C ALA A 226 5.70 7.94 6.96
N GLN A 227 4.41 7.80 6.63
CA GLN A 227 3.51 8.96 6.62
C GLN A 227 4.13 10.10 5.82
N ARG A 228 4.69 9.76 4.67
CA ARG A 228 5.31 10.71 3.75
C ARG A 228 4.71 10.52 2.37
N GLN A 229 4.69 11.61 1.59
CA GLN A 229 4.24 11.55 0.21
C GLN A 229 5.47 11.44 -0.69
N ALA A 230 5.59 10.32 -1.39
CA ALA A 230 6.73 10.12 -2.27
C ALA A 230 6.60 11.02 -3.48
N ASP A 231 7.74 11.39 -4.04
CA ASP A 231 7.78 12.13 -5.30
C ASP A 231 7.87 11.10 -6.42
N ILE A 232 6.81 10.98 -7.20
CA ILE A 232 6.69 9.92 -8.20
C ILE A 232 7.27 10.42 -9.51
N ILE A 233 8.40 9.84 -9.90
CA ILE A 233 9.08 10.25 -11.12
C ILE A 233 8.31 9.83 -12.36
N GLY A 234 7.74 8.63 -12.34
CA GLY A 234 7.15 8.05 -13.53
C GLY A 234 5.85 8.73 -13.95
N LYS A 235 5.32 8.24 -15.06
CA LYS A 235 4.06 8.76 -15.58
C LYS A 235 2.94 8.54 -14.56
N PRO A 236 1.97 9.47 -14.50
CA PRO A 236 1.74 10.67 -15.32
C PRO A 236 2.34 11.95 -14.74
N SER A 237 3.30 11.83 -13.84
CA SER A 237 3.89 13.00 -13.20
C SER A 237 4.49 13.92 -14.27
N ARG A 238 4.35 15.23 -14.05
CA ARG A 238 4.89 16.20 -14.99
C ARG A 238 6.42 16.12 -15.08
N PHE A 239 7.07 15.51 -14.09
CA PHE A 239 8.53 15.49 -14.09
C PHE A 239 9.08 14.68 -15.24
N ILE A 240 8.47 13.53 -15.55
CA ILE A 240 8.98 12.70 -16.64
C ILE A 240 8.83 13.43 -17.97
N PHE A 241 7.70 14.13 -18.15
CA PHE A 241 7.54 14.92 -19.36
C PHE A 241 8.57 16.04 -19.41
N ASP A 242 8.88 16.65 -18.26
CA ASP A 242 9.89 17.69 -18.24
C ASP A 242 11.26 17.14 -18.62
N CYS A 243 11.58 15.93 -18.15
CA CYS A 243 12.83 15.29 -18.53
C CYS A 243 12.88 15.07 -20.04
N VAL A 244 11.79 14.55 -20.60
CA VAL A 244 11.73 14.33 -22.04
C VAL A 244 11.90 15.65 -22.78
N SER A 245 11.21 16.70 -22.32
CA SER A 245 11.22 17.98 -23.01
C SER A 245 12.56 18.70 -22.87
N GLN A 246 13.31 18.40 -21.81
CA GLN A 246 14.62 19.02 -21.63
C GLN A 246 15.54 18.67 -22.79
N GLU A 247 15.47 17.43 -23.27
CA GLU A 247 16.35 16.94 -24.32
C GLU A 247 15.69 16.86 -25.69
N TYR A 248 14.36 16.92 -25.76
CA TYR A 248 13.65 16.83 -27.02
C TYR A 248 13.02 18.15 -27.48
N GLY A 249 12.82 19.11 -26.57
CA GLY A 249 12.14 20.33 -26.93
C GLY A 249 10.74 20.08 -27.44
N ILE A 250 9.94 19.32 -26.66
CA ILE A 250 8.63 18.91 -27.14
C ILE A 250 7.74 20.13 -27.37
N ASN A 251 7.03 20.11 -28.50
CA ASN A 251 5.98 21.08 -28.78
C ASN A 251 4.63 20.38 -28.66
N PRO A 252 3.80 20.73 -27.68
CA PRO A 252 2.56 19.94 -27.47
C PRO A 252 1.68 19.87 -28.71
N GLU A 253 1.65 20.92 -29.54
CA GLU A 253 0.78 20.92 -30.70
C GLU A 253 1.15 19.79 -31.67
N ARG A 254 2.45 19.51 -31.80
CA ARG A 254 2.95 18.55 -32.78
C ARG A 254 3.40 17.24 -32.17
N THR A 255 2.93 16.90 -30.97
CA THR A 255 3.37 15.68 -30.29
C THR A 255 2.19 14.79 -29.94
N VAL A 256 2.41 13.47 -30.05
CA VAL A 256 1.42 12.46 -29.75
C VAL A 256 1.96 11.52 -28.67
N MET A 257 1.06 11.01 -27.83
CA MET A 257 1.40 10.00 -26.84
C MET A 257 0.60 8.73 -27.14
N VAL A 258 1.31 7.64 -27.41
CA VAL A 258 0.70 6.33 -27.65
C VAL A 258 0.89 5.49 -26.40
N GLY A 259 -0.21 5.02 -25.81
CA GLY A 259 -0.14 4.34 -24.53
C GLY A 259 -1.20 3.28 -24.40
N ASP A 260 -1.00 2.38 -23.44
CA ASP A 260 -1.93 1.30 -23.17
C ASP A 260 -2.66 1.45 -21.84
N ARG A 261 -2.23 2.36 -20.97
CA ARG A 261 -2.76 2.50 -19.62
C ARG A 261 -3.30 3.91 -19.45
N LEU A 262 -4.57 4.02 -19.08
CA LEU A 262 -5.22 5.33 -18.99
C LEU A 262 -4.65 6.16 -17.85
N ASP A 263 -4.45 5.56 -16.68
CA ASP A 263 -4.04 6.35 -15.52
C ASP A 263 -2.61 6.85 -15.65
N THR A 264 -1.76 6.19 -16.44
CA THR A 264 -0.38 6.66 -16.58
C THR A 264 -0.12 7.38 -17.90
N ASP A 265 -0.21 6.67 -19.03
CA ASP A 265 0.17 7.26 -20.31
C ASP A 265 -0.81 8.36 -20.74
N ILE A 266 -2.10 8.02 -20.84
CA ILE A 266 -3.09 8.93 -21.38
C ILE A 266 -3.18 10.20 -20.53
N LEU A 267 -3.14 10.02 -19.20
CA LEU A 267 -3.23 11.19 -18.32
C LEU A 267 -2.01 12.08 -18.47
N LEU A 268 -0.84 11.50 -18.69
CA LEU A 268 0.34 12.32 -19.00
C LEU A 268 0.07 13.18 -20.23
N GLY A 269 -0.49 12.55 -21.28
CA GLY A 269 -0.81 13.32 -22.47
C GLY A 269 -1.77 14.46 -22.19
N SER A 270 -2.82 14.19 -21.40
CA SER A 270 -3.81 15.22 -21.14
C SER A 270 -3.23 16.37 -20.31
N THR A 271 -2.52 16.04 -19.23
CA THR A 271 -1.97 17.08 -18.36
C THR A 271 -0.92 17.92 -19.09
N CYS A 272 -0.08 17.27 -19.90
CA CYS A 272 0.98 17.98 -20.61
C CYS A 272 0.53 18.50 -21.97
N SER A 273 -0.74 18.33 -22.31
CA SER A 273 -1.34 18.91 -23.52
C SER A 273 -0.84 18.24 -24.80
N LEU A 274 -0.48 16.96 -24.72
CA LEU A 274 -0.13 16.18 -25.90
C LEU A 274 -1.36 15.41 -26.39
N LYS A 275 -1.43 15.22 -27.70
CA LYS A 275 -2.48 14.38 -28.26
C LYS A 275 -2.26 12.93 -27.85
N THR A 276 -3.35 12.18 -27.70
CA THR A 276 -3.29 10.86 -27.08
C THR A 276 -3.92 9.81 -27.98
N ILE A 277 -3.22 8.69 -28.14
CA ILE A 277 -3.72 7.49 -28.80
C ILE A 277 -3.68 6.35 -27.80
N LEU A 278 -4.78 5.61 -27.69
CA LEU A 278 -4.85 4.47 -26.77
C LEU A 278 -4.74 3.18 -27.57
N THR A 279 -3.75 2.36 -27.22
CA THR A 279 -3.59 1.03 -27.79
C THR A 279 -4.26 0.04 -26.85
N LEU A 280 -5.18 -0.75 -27.38
CA LEU A 280 -5.91 -1.72 -26.58
C LEU A 280 -5.14 -3.01 -26.38
N THR A 281 -3.94 -3.12 -26.94
CA THR A 281 -3.11 -4.29 -26.74
C THR A 281 -2.79 -4.51 -25.27
N GLY A 282 -2.70 -3.43 -24.49
CA GLY A 282 -2.27 -3.49 -23.11
C GLY A 282 -3.41 -3.46 -22.11
N VAL A 283 -3.11 -2.88 -20.94
CA VAL A 283 -3.97 -3.05 -19.77
C VAL A 283 -5.35 -2.46 -20.01
N SER A 284 -5.42 -1.20 -20.41
CA SER A 284 -6.71 -0.52 -20.45
C SER A 284 -7.57 -1.06 -21.59
N SER A 285 -8.88 -0.86 -21.44
CA SER A 285 -9.87 -1.36 -22.37
C SER A 285 -10.87 -0.26 -22.68
N LEU A 286 -11.63 -0.44 -23.76
CA LEU A 286 -12.63 0.55 -24.14
C LEU A 286 -13.69 0.71 -23.06
N GLU A 287 -14.04 -0.36 -22.35
CA GLU A 287 -15.05 -0.26 -21.31
C GLU A 287 -14.59 0.65 -20.16
N ASP A 288 -13.30 0.59 -19.81
CA ASP A 288 -12.78 1.52 -18.80
C ASP A 288 -12.92 2.96 -19.27
N VAL A 289 -12.62 3.20 -20.55
CA VAL A 289 -12.81 4.54 -21.11
C VAL A 289 -14.27 4.95 -21.03
N LYS A 290 -15.19 4.00 -21.29
CA LYS A 290 -16.61 4.31 -21.21
C LYS A 290 -17.00 4.68 -19.79
N SER A 291 -16.44 3.99 -18.79
CA SER A 291 -16.72 4.34 -17.41
C SER A 291 -16.23 5.75 -17.09
N ASN A 292 -15.04 6.11 -17.57
CA ASN A 292 -14.53 7.45 -17.32
C ASN A 292 -15.37 8.50 -18.06
N GLN A 293 -15.81 8.20 -19.28
CA GLN A 293 -16.64 9.13 -20.04
C GLN A 293 -17.99 9.34 -19.37
N GLU A 294 -18.64 8.25 -18.94
CA GLU A 294 -19.96 8.36 -18.34
C GLU A 294 -19.91 9.09 -17.01
N SER A 295 -18.87 8.85 -16.22
CA SER A 295 -18.76 9.46 -14.90
C SER A 295 -18.64 10.98 -14.99
N ASP A 296 -19.20 11.66 -13.99
CA ASP A 296 -19.16 13.11 -13.90
C ASP A 296 -17.90 13.65 -13.25
N SER A 297 -16.99 12.79 -12.79
CA SER A 297 -15.73 13.24 -12.22
C SER A 297 -14.86 13.89 -13.30
N MET A 298 -14.28 15.05 -12.99
CA MET A 298 -13.44 15.75 -13.96
C MET A 298 -12.13 15.01 -14.19
N PHE A 299 -11.55 14.44 -13.12
CA PHE A 299 -10.30 13.69 -13.22
C PHE A 299 -10.46 12.47 -14.13
N LYS A 300 -11.59 11.77 -14.03
CA LYS A 300 -11.85 10.66 -14.94
C LYS A 300 -11.92 11.14 -16.39
N LYS A 301 -12.53 12.30 -16.61
CA LYS A 301 -12.58 12.85 -17.97
C LYS A 301 -11.19 13.18 -18.48
N LYS A 302 -10.27 13.58 -17.60
CA LYS A 302 -8.90 13.80 -18.03
C LYS A 302 -8.30 12.53 -18.62
N MET A 303 -8.50 11.38 -17.96
CA MET A 303 -7.97 10.11 -18.46
C MET A 303 -8.94 9.46 -19.45
N VAL A 304 -9.19 10.20 -20.53
CA VAL A 304 -9.98 9.73 -21.67
C VAL A 304 -9.19 10.04 -22.95
N PRO A 305 -8.91 9.06 -23.80
CA PRO A 305 -8.03 9.30 -24.94
C PRO A 305 -8.74 9.99 -26.09
N ASP A 306 -7.97 10.80 -26.83
CA ASP A 306 -8.51 11.47 -28.00
C ASP A 306 -8.83 10.49 -29.12
N PHE A 307 -7.92 9.54 -29.37
CA PHE A 307 -8.13 8.50 -30.36
C PHE A 307 -7.83 7.14 -29.74
N TYR A 308 -8.38 6.10 -30.36
CA TYR A 308 -8.13 4.74 -29.93
C TYR A 308 -7.78 3.91 -31.15
N VAL A 309 -6.77 3.07 -30.98
CA VAL A 309 -6.29 2.16 -32.02
C VAL A 309 -6.16 0.79 -31.38
N ASP A 310 -6.58 -0.25 -32.10
CA ASP A 310 -6.46 -1.60 -31.55
C ASP A 310 -4.99 -1.94 -31.26
N SER A 311 -4.11 -1.61 -32.21
CA SER A 311 -2.67 -1.73 -32.03
C SER A 311 -2.04 -0.65 -32.89
N ILE A 312 -0.78 -0.31 -32.59
CA ILE A 312 -0.13 0.70 -33.40
C ILE A 312 -0.04 0.25 -34.86
N ALA A 313 -0.10 -1.06 -35.11
CA ALA A 313 -0.01 -1.54 -36.48
C ALA A 313 -1.13 -1.00 -37.37
N ASP A 314 -2.26 -0.59 -36.79
CA ASP A 314 -3.34 -0.02 -37.59
C ASP A 314 -2.97 1.34 -38.18
N LEU A 315 -1.83 1.91 -37.77
CA LEU A 315 -1.28 3.11 -38.40
C LEU A 315 -0.56 2.79 -39.70
N LEU A 316 -0.22 1.53 -39.93
CA LEU A 316 0.56 1.18 -41.11
C LEU A 316 -0.14 1.53 -42.41
N PRO A 317 -1.46 1.36 -42.56
CA PRO A 317 -2.11 1.77 -43.81
C PRO A 317 -1.85 3.23 -44.16
N ALA A 318 -1.93 4.12 -43.17
CA ALA A 318 -1.62 5.52 -43.42
C ALA A 318 -0.16 5.72 -43.78
N LEU A 319 0.74 5.03 -43.07
CA LEU A 319 2.17 5.20 -43.30
C LEU A 319 2.62 4.54 -44.60
N GLN A 320 1.98 3.44 -45.00
CA GLN A 320 2.36 2.78 -46.24
C GLN A 320 1.92 3.53 -47.48
N GLY A 321 0.93 4.41 -47.34
CA GLY A 321 0.57 5.36 -48.39
C GLY A 321 1.76 5.75 -49.25
N ALA B 11 -19.27 15.28 21.60
CA ALA B 11 -18.06 15.20 20.78
C ALA B 11 -17.28 16.50 20.84
N ARG B 12 -17.01 16.98 22.06
CA ARG B 12 -16.29 18.24 22.28
C ARG B 12 -14.93 18.02 22.93
N CYS B 13 -14.51 16.77 23.11
CA CYS B 13 -13.19 16.45 23.67
C CYS B 13 -12.99 17.13 25.01
N VAL B 14 -13.93 16.89 25.91
CA VAL B 14 -13.88 17.47 27.26
C VAL B 14 -12.94 16.67 28.14
N ARG B 15 -12.10 17.38 28.90
CA ARG B 15 -11.25 16.71 29.88
C ARG B 15 -12.13 16.01 30.90
N LEU B 16 -11.83 14.74 31.17
CA LEU B 16 -12.63 13.96 32.10
C LEU B 16 -12.08 14.18 33.50
N SER B 17 -12.54 15.27 34.13
CA SER B 17 -12.17 15.54 35.51
C SER B 17 -12.86 14.56 36.46
N ALA B 18 -12.45 14.59 37.73
CA ALA B 18 -12.95 13.60 38.67
C ALA B 18 -14.48 13.59 38.75
N GLU B 19 -15.10 14.77 38.80
CA GLU B 19 -16.56 14.84 38.85
C GLU B 19 -17.19 14.28 37.57
N ARG B 20 -16.70 14.74 36.41
CA ARG B 20 -17.21 14.25 35.14
C ARG B 20 -17.02 12.74 35.04
N ALA B 21 -15.87 12.25 35.50
CA ALA B 21 -15.59 10.82 35.47
C ALA B 21 -16.58 10.06 36.34
N LYS B 22 -16.89 10.58 37.53
CA LYS B 22 -17.83 9.89 38.40
C LYS B 22 -19.19 9.78 37.73
N LEU B 23 -19.65 10.87 37.10
CA LEU B 23 -20.95 10.81 36.42
C LEU B 23 -20.93 9.76 35.31
N LEU B 24 -19.91 9.82 34.44
CA LEU B 24 -19.84 8.87 33.33
C LEU B 24 -19.78 7.44 33.84
N LEU B 25 -18.97 7.19 34.86
CA LEU B 25 -18.83 5.84 35.40
C LEU B 25 -20.14 5.33 35.97
N ALA B 26 -20.90 6.18 36.65
CA ALA B 26 -22.20 5.77 37.14
C ALA B 26 -23.12 5.39 35.98
N GLU B 27 -23.00 6.11 34.86
CA GLU B 27 -23.91 5.86 33.75
C GLU B 27 -23.53 4.64 32.91
N VAL B 28 -22.30 4.15 33.00
CA VAL B 28 -21.84 3.03 32.17
C VAL B 28 -21.44 1.88 33.07
N ASP B 29 -21.92 0.68 32.75
CA ASP B 29 -21.60 -0.53 33.50
C ASP B 29 -20.65 -1.46 32.75
N THR B 30 -20.24 -1.11 31.51
CA THR B 30 -19.23 -1.84 30.77
C THR B 30 -18.23 -0.85 30.19
N LEU B 31 -16.94 -1.21 30.23
CA LEU B 31 -15.88 -0.38 29.68
C LEU B 31 -14.99 -1.21 28.77
N LEU B 32 -14.81 -0.77 27.53
CA LEU B 32 -13.99 -1.45 26.54
C LEU B 32 -12.70 -0.67 26.31
N PHE B 33 -11.58 -1.40 26.27
CA PHE B 33 -10.26 -0.78 26.21
C PHE B 33 -9.46 -1.30 25.04
N ASN B 34 -8.53 -0.47 24.56
CA ASN B 34 -7.50 -0.88 23.62
C ASN B 34 -6.23 -1.14 24.42
N CYS B 35 -5.71 -2.37 24.34
CA CYS B 35 -4.59 -2.75 25.20
C CYS B 35 -3.33 -1.96 24.88
N ASP B 36 -3.03 -1.76 23.60
CA ASP B 36 -1.78 -1.12 23.21
C ASP B 36 -1.98 0.39 23.19
N GLY B 37 -1.21 1.11 24.00
CA GLY B 37 -1.28 2.55 24.06
C GLY B 37 -2.21 3.13 25.08
N VAL B 38 -3.07 2.32 25.71
CA VAL B 38 -3.92 2.76 26.81
C VAL B 38 -3.51 2.08 28.11
N LEU B 39 -3.60 0.75 28.16
CA LEU B 39 -3.24 0.01 29.34
C LEU B 39 -1.72 -0.17 29.45
N TRP B 40 -1.06 -0.49 28.34
CA TRP B 40 0.38 -0.74 28.37
C TRP B 40 1.03 -0.47 27.03
N ARG B 41 2.32 -0.10 27.11
CA ARG B 41 3.19 0.14 25.96
C ARG B 41 4.38 -0.80 26.05
N GLY B 42 4.64 -1.53 24.98
CA GLY B 42 5.65 -2.57 25.03
C GLY B 42 5.20 -3.65 26.01
N GLU B 43 6.09 -4.04 26.90
CA GLU B 43 5.75 -4.93 28.01
C GLU B 43 5.59 -4.18 29.33
N THR B 44 5.64 -2.85 29.29
CA THR B 44 5.58 -2.00 30.47
C THR B 44 4.22 -1.32 30.57
N ALA B 45 3.57 -1.46 31.73
CA ALA B 45 2.25 -0.90 31.93
C ALA B 45 2.29 0.63 32.04
N VAL B 46 1.23 1.27 31.54
CA VAL B 46 1.06 2.71 31.78
C VAL B 46 0.94 2.94 33.28
N PRO B 47 1.71 3.86 33.86
CA PRO B 47 1.73 3.97 35.34
C PRO B 47 0.34 4.29 35.89
N GLY B 48 -0.11 3.45 36.81
CA GLY B 48 -1.41 3.60 37.43
C GLY B 48 -2.55 2.91 36.72
N ALA B 49 -2.36 2.50 35.46
CA ALA B 49 -3.44 1.84 34.73
C ALA B 49 -3.91 0.55 35.39
N PRO B 50 -3.00 -0.34 35.84
CA PRO B 50 -3.47 -1.57 36.48
C PRO B 50 -4.37 -1.32 37.68
N GLU B 51 -3.97 -0.38 38.55
CA GLU B 51 -4.78 -0.06 39.71
C GLU B 51 -6.15 0.45 39.30
N THR B 52 -6.19 1.26 38.24
CA THR B 52 -7.45 1.80 37.76
C THR B 52 -8.39 0.69 37.31
N LEU B 53 -7.88 -0.24 36.49
CA LEU B 53 -8.77 -1.30 36.00
C LEU B 53 -9.19 -2.25 37.12
N ARG B 54 -8.30 -2.52 38.09
CA ARG B 54 -8.70 -3.35 39.21
C ARG B 54 -9.79 -2.66 40.02
N ALA B 55 -9.67 -1.36 40.23
CA ALA B 55 -10.71 -0.62 40.93
C ALA B 55 -12.03 -0.67 40.17
N LEU B 56 -11.97 -0.56 38.84
CA LEU B 56 -13.18 -0.64 38.04
C LEU B 56 -13.85 -1.99 38.18
N ARG B 57 -13.07 -3.07 38.22
CA ARG B 57 -13.63 -4.39 38.49
C ARG B 57 -14.24 -4.45 39.88
N ALA B 58 -13.60 -3.80 40.86
CA ALA B 58 -14.14 -3.81 42.21
C ALA B 58 -15.52 -3.17 42.26
N ARG B 59 -15.71 -2.07 41.54
CA ARG B 59 -17.01 -1.41 41.52
C ARG B 59 -18.07 -2.24 40.80
N GLY B 60 -17.68 -3.35 40.17
CA GLY B 60 -18.59 -4.21 39.44
C GLY B 60 -18.69 -3.94 37.96
N LYS B 61 -17.96 -2.95 37.46
CA LYS B 61 -17.96 -2.62 36.04
C LYS B 61 -17.34 -3.74 35.23
N ARG B 62 -17.98 -4.10 34.11
CA ARG B 62 -17.45 -5.09 33.20
C ARG B 62 -16.36 -4.47 32.34
N LEU B 63 -15.21 -5.13 32.26
CA LEU B 63 -14.09 -4.64 31.47
C LEU B 63 -13.92 -5.58 30.27
N GLY B 64 -13.82 -4.99 29.08
CA GLY B 64 -13.54 -5.75 27.87
C GLY B 64 -12.41 -5.10 27.12
N PHE B 65 -11.74 -5.90 26.30
CA PHE B 65 -10.53 -5.47 25.61
C PHE B 65 -10.69 -5.75 24.12
N ILE B 66 -10.42 -4.74 23.30
CA ILE B 66 -10.44 -4.88 21.85
C ILE B 66 -9.06 -4.50 21.35
N THR B 67 -8.46 -5.36 20.54
CA THR B 67 -7.14 -5.06 19.99
C THR B 67 -7.09 -5.42 18.52
N ASN B 68 -6.29 -4.66 17.77
CA ASN B 68 -6.07 -4.90 16.35
C ASN B 68 -4.85 -5.76 16.09
N ASN B 69 -4.20 -6.24 17.15
CA ASN B 69 -2.99 -7.03 17.02
C ASN B 69 -3.35 -8.48 16.72
N SER B 70 -2.89 -8.98 15.57
CA SER B 70 -3.10 -10.36 15.18
C SER B 70 -2.04 -11.31 15.71
N SER B 71 -0.99 -10.79 16.36
CA SER B 71 0.12 -11.63 16.74
C SER B 71 -0.20 -12.58 17.89
N LYS B 72 -1.06 -12.18 18.82
CA LYS B 72 -1.30 -12.93 20.05
C LYS B 72 -2.71 -13.48 20.12
N THR B 73 -2.83 -14.70 20.67
CA THR B 73 -4.10 -15.36 20.88
C THR B 73 -4.84 -14.73 22.06
N ARG B 74 -6.11 -15.14 22.24
CA ARG B 74 -6.88 -14.67 23.39
C ARG B 74 -6.17 -15.03 24.68
N THR B 75 -5.73 -16.28 24.81
CA THR B 75 -5.06 -16.71 26.03
C THR B 75 -3.77 -15.91 26.27
N ALA B 76 -3.02 -15.61 25.21
CA ALA B 76 -1.77 -14.88 25.39
C ALA B 76 -2.02 -13.46 25.89
N TYR B 77 -2.97 -12.76 25.28
CA TYR B 77 -3.33 -11.41 25.72
C TYR B 77 -3.85 -11.43 27.15
N ALA B 78 -4.68 -12.43 27.50
CA ALA B 78 -5.19 -12.52 28.85
C ALA B 78 -4.06 -12.75 29.85
N GLU B 79 -3.09 -13.61 29.50
CA GLU B 79 -1.95 -13.82 30.38
C GLU B 79 -1.15 -12.54 30.56
N LYS B 80 -0.99 -11.75 29.49
CA LYS B 80 -0.30 -10.48 29.62
C LYS B 80 -1.05 -9.54 30.57
N LEU B 81 -2.37 -9.49 30.46
CA LEU B 81 -3.15 -8.61 31.32
C LEU B 81 -3.06 -9.04 32.78
N ARG B 82 -3.14 -10.34 33.05
CA ARG B 82 -3.04 -10.82 34.43
C ARG B 82 -1.62 -10.60 34.98
N ARG B 83 -0.61 -10.84 34.14
CA ARG B 83 0.78 -10.68 34.58
C ARG B 83 1.05 -9.25 35.02
N LEU B 84 0.50 -8.29 34.27
CA LEU B 84 0.72 -6.87 34.52
C LEU B 84 -0.26 -6.30 35.53
N GLY B 85 -1.12 -7.12 36.11
CA GLY B 85 -1.97 -6.69 37.21
C GLY B 85 -3.29 -6.05 36.83
N PHE B 86 -3.80 -6.30 35.63
CA PHE B 86 -5.10 -5.78 35.23
C PHE B 86 -6.24 -6.69 35.68
N GLY B 87 -5.93 -7.76 36.39
CA GLY B 87 -6.92 -8.53 37.12
C GLY B 87 -7.99 -9.21 36.30
N GLY B 88 -7.61 -9.91 35.24
CA GLY B 88 -8.54 -10.73 34.52
C GLY B 88 -8.88 -11.99 35.30
N PRO B 89 -9.93 -12.70 34.90
CA PRO B 89 -10.26 -13.97 35.57
C PRO B 89 -9.21 -15.02 35.27
N VAL B 90 -8.91 -15.83 36.29
CA VAL B 90 -7.88 -16.84 36.19
C VAL B 90 -8.47 -18.12 35.62
N GLY B 91 -7.60 -18.96 35.06
CA GLY B 91 -8.01 -20.20 34.42
C GLY B 91 -8.26 -20.00 32.94
N PRO B 92 -8.95 -20.96 32.31
CA PRO B 92 -9.22 -20.82 30.87
C PRO B 92 -10.14 -19.65 30.54
N GLU B 93 -11.01 -19.28 31.47
CA GLU B 93 -12.01 -18.26 31.21
C GLU B 93 -11.41 -16.93 30.79
N ALA B 94 -10.14 -16.69 31.12
CA ALA B 94 -9.51 -15.41 30.84
C ALA B 94 -9.68 -14.99 29.39
N GLY B 95 -9.47 -15.92 28.46
CA GLY B 95 -9.54 -15.57 27.05
C GLY B 95 -10.84 -14.91 26.65
N LEU B 96 -11.94 -15.26 27.31
CA LEU B 96 -13.23 -14.70 26.91
C LEU B 96 -13.25 -13.18 27.02
N GLU B 97 -12.45 -12.60 27.93
CA GLU B 97 -12.54 -11.17 28.14
C GLU B 97 -11.95 -10.38 26.97
N VAL B 98 -10.91 -10.91 26.32
CA VAL B 98 -10.18 -10.18 25.29
C VAL B 98 -10.69 -10.59 23.91
N PHE B 99 -10.86 -9.60 23.03
CA PHE B 99 -11.25 -9.81 21.64
C PHE B 99 -10.19 -9.17 20.74
N GLY B 100 -9.58 -10.00 19.87
CA GLY B 100 -8.51 -9.55 19.03
C GLY B 100 -8.74 -9.95 17.59
N THR B 101 -8.00 -9.30 16.69
CA THR B 101 -8.22 -9.49 15.26
C THR B 101 -7.98 -10.94 14.83
N ALA B 102 -7.10 -11.67 15.52
CA ALA B 102 -6.87 -13.06 15.14
C ALA B 102 -8.14 -13.89 15.37
N TYR B 103 -8.69 -13.83 16.59
CA TYR B 103 -9.91 -14.56 16.91
C TYR B 103 -11.07 -14.10 16.05
N CYS B 104 -11.24 -12.79 15.89
CA CYS B 104 -12.35 -12.27 15.11
C CYS B 104 -12.22 -12.67 13.64
N SER B 105 -10.98 -12.71 13.12
CA SER B 105 -10.78 -13.19 11.75
C SER B 105 -11.22 -14.64 11.62
N ALA B 106 -10.86 -15.47 12.61
CA ALA B 106 -11.31 -16.85 12.59
C ALA B 106 -12.84 -16.94 12.58
N LEU B 107 -13.49 -16.08 13.36
CA LEU B 107 -14.96 -16.08 13.39
C LEU B 107 -15.54 -15.68 12.03
N TYR B 108 -14.97 -14.64 11.41
CA TYR B 108 -15.44 -14.20 10.10
C TYR B 108 -15.33 -15.32 9.08
N LEU B 109 -14.18 -16.02 9.08
CA LEU B 109 -14.01 -17.11 8.11
C LEU B 109 -14.89 -18.30 8.44
N ARG B 110 -15.16 -18.55 9.73
CA ARG B 110 -16.05 -19.64 10.09
C ARG B 110 -17.44 -19.41 9.50
N GLN B 111 -17.95 -18.18 9.64
CA GLN B 111 -19.29 -17.88 9.14
C GLN B 111 -19.30 -17.84 7.61
N ARG B 112 -18.36 -17.10 7.01
CA ARG B 112 -18.38 -16.92 5.55
C ARG B 112 -18.12 -18.23 4.82
N LEU B 113 -17.16 -19.02 5.28
CA LEU B 113 -16.83 -20.30 4.67
C LEU B 113 -17.58 -21.45 5.32
N ALA B 114 -18.66 -21.16 6.04
CA ALA B 114 -19.47 -22.21 6.64
C ALA B 114 -20.02 -23.13 5.55
N GLY B 115 -19.97 -24.43 5.81
CA GLY B 115 -20.41 -25.41 4.86
C GLY B 115 -19.41 -25.75 3.78
N VAL B 116 -18.21 -25.17 3.82
CA VAL B 116 -17.17 -25.47 2.85
C VAL B 116 -16.43 -26.67 3.46
N PRO B 117 -16.18 -27.75 2.70
CA PRO B 117 -15.52 -28.91 3.29
C PRO B 117 -14.02 -28.68 3.46
N ASP B 118 -13.52 -28.95 4.67
CA ASP B 118 -12.11 -28.82 4.98
C ASP B 118 -11.54 -27.50 4.49
N PRO B 119 -12.06 -26.37 4.96
CA PRO B 119 -11.64 -25.07 4.44
C PRO B 119 -10.17 -24.79 4.71
N LYS B 120 -9.50 -24.18 3.73
CA LYS B 120 -8.10 -23.81 3.82
C LYS B 120 -7.94 -22.37 3.38
N ALA B 121 -6.91 -21.70 3.91
CA ALA B 121 -6.66 -20.31 3.59
C ALA B 121 -5.17 -20.04 3.51
N TYR B 122 -4.80 -19.06 2.70
CA TYR B 122 -3.43 -18.54 2.61
C TYR B 122 -3.31 -17.37 3.58
N VAL B 123 -2.62 -17.61 4.68
CA VAL B 123 -2.48 -16.66 5.78
C VAL B 123 -1.10 -16.04 5.66
N LEU B 124 -1.04 -14.78 5.23
CA LEU B 124 0.19 -14.00 5.31
C LEU B 124 0.23 -13.33 6.69
N GLY B 125 0.50 -14.14 7.71
CA GLY B 125 0.29 -13.66 9.05
C GLY B 125 1.06 -14.40 10.11
N SER B 126 0.69 -14.12 11.36
CA SER B 126 1.37 -14.63 12.54
C SER B 126 0.96 -16.06 12.84
N PRO B 127 1.71 -16.73 13.72
CA PRO B 127 1.29 -18.08 14.13
C PRO B 127 -0.03 -18.10 14.88
N ALA B 128 -0.28 -17.09 15.71
CA ALA B 128 -1.51 -17.06 16.49
C ALA B 128 -2.73 -16.97 15.58
N LEU B 129 -2.63 -16.20 14.50
CA LEU B 129 -3.74 -16.11 13.55
C LEU B 129 -4.05 -17.48 12.98
N ALA B 130 -3.01 -18.21 12.55
CA ALA B 130 -3.22 -19.56 12.02
C ALA B 130 -3.80 -20.49 13.08
N ALA B 131 -3.37 -20.34 14.34
CA ALA B 131 -3.89 -21.20 15.40
C ALA B 131 -5.38 -20.95 15.65
N GLU B 132 -5.77 -19.67 15.69
CA GLU B 132 -7.18 -19.35 15.85
C GLU B 132 -8.00 -19.91 14.69
N LEU B 133 -7.49 -19.74 13.46
CA LEU B 133 -8.18 -20.34 12.32
C LEU B 133 -8.28 -21.85 12.48
N GLU B 134 -7.22 -22.50 12.96
CA GLU B 134 -7.24 -23.95 13.12
C GLU B 134 -8.31 -24.37 14.12
N ALA B 135 -8.41 -23.65 15.23
CA ALA B 135 -9.47 -23.95 16.20
C ALA B 135 -10.85 -23.80 15.55
N VAL B 136 -11.03 -22.76 14.73
CA VAL B 136 -12.29 -22.62 14.01
C VAL B 136 -12.48 -23.72 12.97
N GLY B 137 -11.41 -24.35 12.52
CA GLY B 137 -11.50 -25.39 11.51
C GLY B 137 -10.91 -25.02 10.17
N VAL B 138 -10.43 -23.80 10.01
CA VAL B 138 -9.83 -23.35 8.76
C VAL B 138 -8.35 -23.73 8.79
N THR B 139 -7.94 -24.54 7.82
CA THR B 139 -6.53 -24.89 7.69
C THR B 139 -5.76 -23.68 7.19
N SER B 140 -4.51 -23.56 7.63
CA SER B 140 -3.70 -22.39 7.31
C SER B 140 -2.44 -22.78 6.56
N VAL B 141 -2.12 -22.00 5.53
CA VAL B 141 -0.93 -22.21 4.70
C VAL B 141 -0.29 -20.85 4.47
N GLY B 142 1.04 -20.82 4.41
CA GLY B 142 1.77 -19.60 4.14
C GLY B 142 2.34 -18.92 5.36
N VAL B 143 2.04 -19.42 6.56
CA VAL B 143 2.64 -18.89 7.78
C VAL B 143 4.09 -19.32 7.81
N GLY B 144 5.02 -18.37 7.69
CA GLY B 144 6.42 -18.67 7.62
C GLY B 144 7.12 -17.94 6.48
N PRO B 145 8.43 -18.14 6.33
CA PRO B 145 9.18 -17.42 5.30
C PRO B 145 8.91 -17.96 3.90
N ASP B 146 8.88 -17.03 2.92
CA ASP B 146 8.73 -17.39 1.50
C ASP B 146 9.65 -16.47 0.67
N VAL B 147 10.95 -16.78 0.69
CA VAL B 147 11.93 -15.99 -0.05
C VAL B 147 11.74 -16.17 -1.54
N LEU B 148 12.04 -15.12 -2.30
CA LEU B 148 11.86 -15.14 -3.74
C LEU B 148 12.99 -15.89 -4.43
N HIS B 149 12.64 -16.81 -5.33
CA HIS B 149 13.58 -17.51 -6.17
C HIS B 149 13.07 -17.46 -7.60
N GLY B 150 13.99 -17.28 -8.54
CA GLY B 150 13.63 -17.14 -9.94
C GLY B 150 14.32 -15.94 -10.56
N ASP B 151 14.57 -16.02 -11.86
CA ASP B 151 15.25 -14.94 -12.57
C ASP B 151 14.29 -13.88 -13.07
N GLY B 152 13.01 -14.22 -13.21
CA GLY B 152 12.04 -13.32 -13.80
C GLY B 152 10.62 -13.61 -13.39
N PRO B 153 9.69 -12.82 -13.94
CA PRO B 153 8.27 -12.99 -13.56
C PRO B 153 7.72 -14.38 -13.85
N SER B 154 8.04 -14.97 -15.00
CA SER B 154 7.48 -16.27 -15.34
C SER B 154 7.84 -17.32 -14.30
N ASP B 155 9.10 -17.33 -13.85
CA ASP B 155 9.51 -18.27 -12.81
C ASP B 155 8.73 -18.05 -11.53
N TRP B 156 8.49 -16.78 -11.17
CA TRP B 156 7.75 -16.49 -9.95
C TRP B 156 6.30 -16.97 -10.05
N LEU B 157 5.67 -16.75 -11.21
CA LEU B 157 4.29 -17.19 -11.41
C LEU B 157 4.17 -18.69 -11.59
N ALA B 158 5.27 -19.39 -11.87
CA ALA B 158 5.26 -20.84 -12.05
C ALA B 158 5.24 -21.61 -10.74
N VAL B 159 5.54 -20.97 -9.60
CA VAL B 159 5.67 -21.68 -8.33
C VAL B 159 4.38 -22.45 -8.03
N PRO B 160 4.45 -23.66 -7.49
CA PRO B 160 3.21 -24.40 -7.18
C PRO B 160 2.43 -23.74 -6.06
N LEU B 161 1.10 -23.93 -6.11
CA LEU B 161 0.18 -23.39 -5.12
C LEU B 161 -0.59 -24.52 -4.46
N GLU B 162 -1.07 -24.28 -3.24
CA GLU B 162 -1.89 -25.27 -2.56
C GLU B 162 -3.22 -25.44 -3.27
N PRO B 163 -3.79 -26.65 -3.25
CA PRO B 163 -4.93 -26.94 -4.14
C PRO B 163 -6.19 -26.14 -3.86
N ASP B 164 -6.65 -26.12 -2.63
CA ASP B 164 -7.95 -25.56 -2.29
C ASP B 164 -7.73 -24.44 -1.29
N VAL B 165 -7.65 -23.20 -1.78
CA VAL B 165 -7.52 -22.02 -0.94
C VAL B 165 -8.72 -21.14 -1.24
N ARG B 166 -9.61 -21.01 -0.27
CA ARG B 166 -10.83 -20.24 -0.43
C ARG B 166 -10.74 -18.84 0.20
N ALA B 167 -9.62 -18.51 0.83
CA ALA B 167 -9.48 -17.19 1.44
C ALA B 167 -8.01 -16.81 1.56
N VAL B 168 -7.77 -15.50 1.55
CA VAL B 168 -6.45 -14.92 1.82
C VAL B 168 -6.59 -13.99 3.01
N VAL B 169 -5.80 -14.23 4.05
CA VAL B 169 -5.84 -13.43 5.27
C VAL B 169 -4.53 -12.65 5.37
N VAL B 170 -4.63 -11.32 5.32
CA VAL B 170 -3.47 -10.46 5.44
C VAL B 170 -3.41 -9.94 6.87
N GLY B 171 -2.45 -10.45 7.63
CA GLY B 171 -2.18 -10.00 8.97
C GLY B 171 -0.70 -9.72 9.12
N PHE B 172 -0.33 -9.23 10.29
CA PHE B 172 1.08 -8.90 10.49
C PHE B 172 1.93 -10.13 10.21
N ASP B 173 2.79 -10.03 9.20
CA ASP B 173 3.69 -11.11 8.80
C ASP B 173 5.07 -10.50 8.63
N PRO B 174 6.00 -10.74 9.56
CA PRO B 174 7.35 -10.19 9.36
C PRO B 174 8.08 -10.81 8.17
N HIS B 175 7.58 -11.94 7.68
CA HIS B 175 8.17 -12.62 6.52
C HIS B 175 7.54 -12.19 5.21
N PHE B 176 6.74 -11.13 5.22
CA PHE B 176 6.09 -10.66 4.00
C PHE B 176 7.13 -10.39 2.92
N SER B 177 6.82 -10.83 1.70
CA SER B 177 7.74 -10.71 0.58
C SER B 177 6.94 -10.48 -0.70
N TYR B 178 7.66 -10.09 -1.76
CA TYR B 178 7.03 -9.95 -3.07
C TYR B 178 6.51 -11.28 -3.57
N MET B 179 7.18 -12.39 -3.23
CA MET B 179 6.66 -13.70 -3.58
C MET B 179 5.30 -13.94 -2.94
N LYS B 180 5.15 -13.54 -1.67
CA LYS B 180 3.87 -13.71 -1.00
C LYS B 180 2.80 -12.83 -1.66
N LEU B 181 3.18 -11.62 -2.08
CA LEU B 181 2.23 -10.76 -2.78
C LEU B 181 1.80 -11.39 -4.11
N THR B 182 2.74 -11.95 -4.86
CA THR B 182 2.41 -12.61 -6.13
C THR B 182 1.50 -13.80 -5.91
N LYS B 183 1.83 -14.64 -4.91
CA LYS B 183 0.98 -15.79 -4.60
C LYS B 183 -0.40 -15.35 -4.14
N ALA B 184 -0.49 -14.30 -3.34
CA ALA B 184 -1.79 -13.79 -2.91
C ALA B 184 -2.61 -13.32 -4.09
N VAL B 185 -1.97 -12.63 -5.04
CA VAL B 185 -2.69 -12.20 -6.23
C VAL B 185 -3.21 -13.41 -6.99
N ARG B 186 -2.36 -14.42 -7.17
CA ARG B 186 -2.78 -15.60 -7.92
C ARG B 186 -3.97 -16.28 -7.26
N TYR B 187 -3.92 -16.45 -5.93
CA TYR B 187 -5.05 -17.05 -5.23
C TYR B 187 -6.30 -16.19 -5.37
N LEU B 188 -6.15 -14.86 -5.26
CA LEU B 188 -7.27 -13.94 -5.29
C LEU B 188 -7.86 -13.74 -6.67
N GLN B 189 -7.21 -14.23 -7.73
CA GLN B 189 -7.80 -14.10 -9.06
C GLN B 189 -9.13 -14.86 -9.14
N GLN B 190 -9.26 -15.98 -8.43
CA GLN B 190 -10.55 -16.67 -8.33
C GLN B 190 -11.56 -15.77 -7.64
N PRO B 191 -12.74 -15.54 -8.21
CA PRO B 191 -13.70 -14.62 -7.56
C PRO B 191 -14.19 -15.12 -6.22
N ASP B 192 -14.31 -16.44 -6.06
CA ASP B 192 -14.82 -17.01 -4.81
C ASP B 192 -13.89 -16.68 -3.64
N CYS B 193 -12.58 -16.64 -3.88
CA CYS B 193 -11.62 -16.44 -2.82
C CYS B 193 -11.82 -15.11 -2.11
N LEU B 194 -11.88 -15.14 -0.79
CA LEU B 194 -12.11 -13.95 0.00
C LEU B 194 -10.79 -13.27 0.32
N LEU B 195 -10.84 -11.95 0.52
CA LEU B 195 -9.69 -11.17 0.98
C LEU B 195 -10.02 -10.60 2.34
N VAL B 196 -9.22 -10.96 3.34
CA VAL B 196 -9.45 -10.56 4.72
C VAL B 196 -8.22 -9.83 5.23
N GLY B 197 -8.44 -8.66 5.82
CA GLY B 197 -7.37 -7.90 6.43
C GLY B 197 -7.58 -7.79 7.93
N THR B 198 -6.59 -8.22 8.72
CA THR B 198 -6.74 -8.20 10.17
C THR B 198 -6.97 -6.77 10.67
N ASN B 199 -6.18 -5.82 10.18
CA ASN B 199 -6.31 -4.44 10.60
C ASN B 199 -5.67 -3.55 9.53
N MET B 200 -5.96 -2.26 9.60
CA MET B 200 -5.50 -1.29 8.63
C MET B 200 -4.72 -0.16 9.29
N ASP B 201 -3.85 -0.49 10.24
CA ASP B 201 -3.07 0.51 10.94
C ASP B 201 -1.80 0.77 10.14
N ASN B 202 -1.52 2.04 9.84
CA ASN B 202 -0.38 2.36 8.99
C ASN B 202 0.94 2.15 9.72
N ARG B 203 1.01 2.52 10.99
CA ARG B 203 2.18 2.30 11.83
C ARG B 203 1.70 1.76 13.18
N LEU B 204 2.51 0.90 13.78
CA LEU B 204 2.15 0.39 15.10
C LEU B 204 3.17 0.84 16.14
N PRO B 205 2.70 1.32 17.30
CA PRO B 205 3.61 1.91 18.28
C PRO B 205 4.34 0.88 19.13
N LEU B 206 5.56 1.23 19.51
CA LEU B 206 6.38 0.44 20.39
C LEU B 206 6.91 1.35 21.50
N GLU B 207 7.44 0.74 22.55
CA GLU B 207 7.93 1.48 23.70
C GLU B 207 9.05 2.43 23.30
N ASN B 208 9.22 3.51 24.06
CA ASN B 208 10.30 4.47 23.87
C ASN B 208 10.08 5.33 22.63
N GLY B 209 8.85 5.43 22.15
CA GLY B 209 8.58 6.22 20.97
C GLY B 209 9.11 5.61 19.70
N ARG B 210 9.43 4.32 19.70
CA ARG B 210 9.80 3.63 18.48
C ARG B 210 8.55 3.00 17.89
N PHE B 211 8.56 2.82 16.58
CA PHE B 211 7.39 2.25 15.91
C PHE B 211 7.87 1.41 14.74
N ILE B 212 7.03 0.47 14.33
CA ILE B 212 7.32 -0.33 13.15
C ILE B 212 6.13 -0.24 12.20
N ALA B 213 6.35 -0.69 10.96
CA ALA B 213 5.32 -0.55 9.95
C ALA B 213 4.09 -1.37 10.34
N GLY B 214 2.92 -0.92 9.90
CA GLY B 214 1.68 -1.50 10.32
C GLY B 214 1.14 -2.47 9.30
N THR B 215 0.26 -3.35 9.77
CA THR B 215 -0.31 -4.36 8.89
C THR B 215 -1.02 -3.73 7.70
N GLY B 216 -1.58 -2.53 7.89
CA GLY B 216 -2.30 -1.88 6.81
C GLY B 216 -1.44 -1.75 5.56
N CYS B 217 -0.16 -1.44 5.74
CA CYS B 217 0.74 -1.32 4.59
C CYS B 217 0.70 -2.58 3.75
N LEU B 218 0.76 -3.75 4.40
CA LEU B 218 0.65 -5.00 3.66
C LEU B 218 -0.73 -5.14 3.03
N VAL B 219 -1.78 -4.84 3.80
CA VAL B 219 -3.14 -5.05 3.30
C VAL B 219 -3.41 -4.16 2.10
N ARG B 220 -2.92 -2.91 2.14
CA ARG B 220 -3.10 -2.05 0.99
C ARG B 220 -2.30 -2.55 -0.21
N ALA B 221 -1.14 -3.16 0.03
CA ALA B 221 -0.35 -3.69 -1.06
C ALA B 221 -1.06 -4.83 -1.77
N VAL B 222 -1.62 -5.77 -0.99
CA VAL B 222 -2.35 -6.88 -1.58
C VAL B 222 -3.60 -6.37 -2.29
N GLU B 223 -4.35 -5.49 -1.63
CA GLU B 223 -5.56 -4.94 -2.25
C GLU B 223 -5.24 -4.37 -3.61
N MET B 224 -4.30 -3.43 -3.66
CA MET B 224 -3.95 -2.78 -4.91
C MET B 224 -3.53 -3.79 -5.96
N ALA B 225 -2.77 -4.82 -5.54
CA ALA B 225 -2.25 -5.76 -6.51
C ALA B 225 -3.38 -6.60 -7.11
N ALA B 226 -4.39 -6.93 -6.31
CA ALA B 226 -5.50 -7.75 -6.78
C ALA B 226 -6.68 -6.91 -7.24
N GLN B 227 -6.60 -5.59 -7.11
CA GLN B 227 -7.72 -4.70 -7.39
C GLN B 227 -8.98 -5.19 -6.67
N ARG B 228 -8.80 -5.55 -5.40
CA ARG B 228 -9.88 -6.01 -4.54
C ARG B 228 -9.86 -5.16 -3.27
N GLN B 229 -11.04 -4.97 -2.68
CA GLN B 229 -11.16 -4.27 -1.40
C GLN B 229 -11.33 -5.32 -0.30
N ALA B 230 -10.36 -5.37 0.61
CA ALA B 230 -10.36 -6.37 1.66
C ALA B 230 -11.45 -6.09 2.70
N ASP B 231 -11.90 -7.15 3.35
CA ASP B 231 -12.82 -7.05 4.48
C ASP B 231 -11.98 -6.94 5.75
N ILE B 232 -12.02 -5.78 6.38
CA ILE B 232 -11.14 -5.48 7.51
C ILE B 232 -11.83 -5.93 8.79
N ILE B 233 -11.28 -6.95 9.43
CA ILE B 233 -11.88 -7.48 10.65
C ILE B 233 -11.73 -6.48 11.80
N GLY B 234 -10.56 -5.86 11.91
CA GLY B 234 -10.24 -5.04 13.05
C GLY B 234 -10.96 -3.70 13.05
N LYS B 235 -10.70 -2.95 14.12
CA LYS B 235 -11.24 -1.60 14.24
C LYS B 235 -10.75 -0.78 13.04
N PRO B 236 -11.56 0.18 12.55
CA PRO B 236 -12.83 0.68 13.08
C PRO B 236 -14.05 -0.04 12.53
N SER B 237 -13.83 -1.20 11.91
CA SER B 237 -14.94 -1.94 11.32
C SER B 237 -15.94 -2.35 12.40
N ARG B 238 -17.22 -2.29 12.06
CA ARG B 238 -18.26 -2.68 13.01
C ARG B 238 -18.19 -4.16 13.37
N PHE B 239 -17.48 -4.97 12.58
CA PHE B 239 -17.47 -6.42 12.80
C PHE B 239 -16.86 -6.78 14.16
N ILE B 240 -15.75 -6.13 14.54
CA ILE B 240 -15.12 -6.46 15.81
C ILE B 240 -16.06 -6.11 16.96
N PHE B 241 -16.75 -4.97 16.84
CA PHE B 241 -17.76 -4.62 17.83
C PHE B 241 -18.91 -5.63 17.85
N ASP B 242 -19.30 -6.15 16.69
CA ASP B 242 -20.36 -7.15 16.64
C ASP B 242 -19.94 -8.43 17.35
N CYS B 243 -18.67 -8.84 17.18
CA CYS B 243 -18.17 -10.01 17.90
C CYS B 243 -18.25 -9.79 19.40
N VAL B 244 -17.75 -8.63 19.83
CA VAL B 244 -17.81 -8.29 21.26
C VAL B 244 -19.26 -8.29 21.72
N SER B 245 -20.17 -7.76 20.91
CA SER B 245 -21.58 -7.66 21.31
C SER B 245 -22.23 -9.03 21.36
N GLN B 246 -21.81 -9.95 20.50
CA GLN B 246 -22.35 -11.30 20.52
C GLN B 246 -21.96 -12.02 21.80
N GLU B 247 -20.73 -11.80 22.28
CA GLU B 247 -20.27 -12.55 23.46
C GLU B 247 -20.42 -11.81 24.79
N TYR B 248 -20.60 -10.49 24.76
CA TYR B 248 -20.72 -9.67 25.96
C TYR B 248 -22.12 -9.10 26.17
N GLY B 249 -22.95 -9.08 25.13
CA GLY B 249 -24.25 -8.42 25.20
C GLY B 249 -24.14 -6.94 25.49
N ILE B 250 -23.29 -6.25 24.72
CA ILE B 250 -23.03 -4.85 24.98
C ILE B 250 -24.28 -4.01 24.76
N ASN B 251 -24.51 -3.05 25.66
CA ASN B 251 -25.55 -2.03 25.47
C ASN B 251 -24.88 -0.71 25.11
N PRO B 252 -25.07 -0.17 23.90
CA PRO B 252 -24.29 1.01 23.51
C PRO B 252 -24.42 2.18 24.46
N GLU B 253 -25.61 2.39 25.05
CA GLU B 253 -25.80 3.52 25.94
C GLU B 253 -24.91 3.43 27.17
N ARG B 254 -24.65 2.21 27.66
CA ARG B 254 -23.96 2.02 28.92
C ARG B 254 -22.53 1.52 28.73
N THR B 255 -21.94 1.72 27.56
CA THR B 255 -20.59 1.25 27.27
C THR B 255 -19.68 2.38 26.79
N VAL B 256 -18.41 2.30 27.23
CA VAL B 256 -17.39 3.28 26.88
C VAL B 256 -16.25 2.53 26.20
N MET B 257 -15.61 3.23 25.25
CA MET B 257 -14.45 2.74 24.53
C MET B 257 -13.28 3.65 24.88
N VAL B 258 -12.24 3.07 25.44
CA VAL B 258 -11.02 3.79 25.81
C VAL B 258 -9.97 3.47 24.76
N GLY B 259 -9.44 4.50 24.09
CA GLY B 259 -8.55 4.28 22.98
C GLY B 259 -7.51 5.36 22.82
N ASP B 260 -6.45 5.03 22.06
CA ASP B 260 -5.37 5.96 21.79
C ASP B 260 -5.30 6.43 20.35
N ARG B 261 -6.05 5.82 19.45
CA ARG B 261 -5.95 6.10 18.01
C ARG B 261 -7.31 6.58 17.52
N LEU B 262 -7.33 7.78 16.93
CA LEU B 262 -8.61 8.37 16.52
C LEU B 262 -9.24 7.61 15.36
N ASP B 263 -8.45 7.24 14.35
CA ASP B 263 -9.04 6.64 13.16
C ASP B 263 -9.59 5.23 13.44
N THR B 264 -9.07 4.53 14.46
CA THR B 264 -9.55 3.18 14.74
C THR B 264 -10.46 3.12 15.97
N ASP B 265 -9.94 3.40 17.16
CA ASP B 265 -10.72 3.18 18.39
C ASP B 265 -11.89 4.15 18.48
N ILE B 266 -11.60 5.46 18.42
CA ILE B 266 -12.62 6.47 18.63
C ILE B 266 -13.69 6.37 17.54
N LEU B 267 -13.26 6.13 16.30
CA LEU B 267 -14.23 6.00 15.20
C LEU B 267 -15.11 4.77 15.40
N LEU B 268 -14.53 3.69 15.94
CA LEU B 268 -15.35 2.53 16.29
C LEU B 268 -16.45 2.93 17.27
N GLY B 269 -16.06 3.67 18.32
CA GLY B 269 -17.05 4.12 19.28
C GLY B 269 -18.14 4.98 18.66
N SER B 270 -17.74 5.92 17.80
CA SER B 270 -18.71 6.82 17.19
C SER B 270 -19.66 6.05 16.26
N THR B 271 -19.09 5.18 15.41
CA THR B 271 -19.91 4.42 14.47
C THR B 271 -20.87 3.49 15.20
N CYS B 272 -20.40 2.86 16.28
CA CYS B 272 -21.20 1.88 17.01
C CYS B 272 -22.00 2.48 18.15
N SER B 273 -21.98 3.80 18.33
CA SER B 273 -22.80 4.48 19.32
C SER B 273 -22.31 4.25 20.75
N LEU B 274 -21.01 4.04 20.92
CA LEU B 274 -20.40 3.90 22.23
C LEU B 274 -19.82 5.25 22.66
N LYS B 275 -19.85 5.52 23.97
CA LYS B 275 -19.17 6.72 24.46
C LYS B 275 -17.66 6.51 24.35
N THR B 276 -16.91 7.59 24.18
CA THR B 276 -15.48 7.49 23.86
C THR B 276 -14.62 8.30 24.81
N ILE B 277 -13.54 7.67 25.30
CA ILE B 277 -12.49 8.33 26.06
C ILE B 277 -11.17 8.15 25.29
N LEU B 278 -10.44 9.25 25.11
CA LEU B 278 -9.18 9.25 24.40
C LEU B 278 -8.03 9.38 25.39
N THR B 279 -7.10 8.43 25.36
CA THR B 279 -5.88 8.47 26.16
C THR B 279 -4.77 9.04 25.31
N LEU B 280 -4.08 10.06 25.84
CA LEU B 280 -2.99 10.70 25.10
C LEU B 280 -1.67 9.96 25.25
N THR B 281 -1.65 8.89 26.03
CA THR B 281 -0.44 8.09 26.19
C THR B 281 0.01 7.49 24.87
N GLY B 282 -0.90 7.22 23.96
CA GLY B 282 -0.61 6.54 22.73
C GLY B 282 -0.43 7.47 21.55
N VAL B 283 -0.76 6.96 20.36
CA VAL B 283 -0.37 7.61 19.12
C VAL B 283 -1.02 8.99 18.99
N SER B 284 -2.35 9.04 19.10
CA SER B 284 -3.07 10.26 18.78
C SER B 284 -2.80 11.35 19.81
N SER B 285 -3.08 12.59 19.41
CA SER B 285 -2.84 13.76 20.23
C SER B 285 -4.05 14.67 20.20
N LEU B 286 -4.11 15.59 21.17
CA LEU B 286 -5.17 16.59 21.18
C LEU B 286 -5.13 17.45 19.92
N GLU B 287 -3.93 17.71 19.39
CA GLU B 287 -3.81 18.53 18.19
C GLU B 287 -4.49 17.85 17.00
N ASP B 288 -4.36 16.53 16.89
CA ASP B 288 -5.06 15.81 15.83
C ASP B 288 -6.57 15.99 15.97
N VAL B 289 -7.08 15.92 17.20
CA VAL B 289 -8.49 16.14 17.45
C VAL B 289 -8.89 17.54 17.01
N LYS B 290 -8.06 18.54 17.31
CA LYS B 290 -8.39 19.90 16.93
C LYS B 290 -8.46 20.04 15.42
N SER B 291 -7.53 19.39 14.70
CA SER B 291 -7.56 19.42 13.24
C SER B 291 -8.84 18.77 12.71
N ASN B 292 -9.24 17.64 13.28
CA ASN B 292 -10.47 16.99 12.82
C ASN B 292 -11.71 17.82 13.17
N GLN B 293 -11.70 18.47 14.33
CA GLN B 293 -12.82 19.31 14.73
C GLN B 293 -12.98 20.49 13.79
N GLU B 294 -11.86 21.14 13.46
CA GLU B 294 -11.91 22.33 12.60
C GLU B 294 -12.38 21.98 11.21
N SER B 295 -11.97 20.82 10.69
CA SER B 295 -12.36 20.44 9.33
C SER B 295 -13.89 20.31 9.26
N ASP B 296 -14.44 20.67 8.10
CA ASP B 296 -15.88 20.61 7.90
C ASP B 296 -16.36 19.22 7.50
N SER B 297 -15.45 18.28 7.27
CA SER B 297 -15.83 16.93 6.89
C SER B 297 -16.56 16.24 8.04
N MET B 298 -17.70 15.60 7.73
CA MET B 298 -18.44 14.88 8.74
C MET B 298 -17.71 13.63 9.20
N PHE B 299 -17.03 12.94 8.28
CA PHE B 299 -16.28 11.75 8.66
C PHE B 299 -15.17 12.09 9.64
N LYS B 300 -14.46 13.20 9.40
CA LYS B 300 -13.45 13.64 10.36
C LYS B 300 -14.09 14.02 11.69
N LYS B 301 -15.28 14.63 11.65
CA LYS B 301 -15.98 14.96 12.88
C LYS B 301 -16.37 13.71 13.66
N LYS B 302 -16.64 12.60 12.96
CA LYS B 302 -16.97 11.35 13.64
C LYS B 302 -15.84 10.92 14.57
N MET B 303 -14.59 10.99 14.09
CA MET B 303 -13.43 10.59 14.88
C MET B 303 -12.95 11.77 15.76
N VAL B 304 -13.89 12.20 16.62
CA VAL B 304 -13.61 13.21 17.61
C VAL B 304 -14.14 12.67 18.95
N PRO B 305 -13.31 12.58 19.99
CA PRO B 305 -13.72 11.87 21.21
C PRO B 305 -14.66 12.68 22.09
N ASP B 306 -15.52 11.96 22.80
CA ASP B 306 -16.42 12.59 23.75
C ASP B 306 -15.64 13.15 24.94
N PHE B 307 -14.70 12.38 25.48
CA PHE B 307 -13.88 12.84 26.59
C PHE B 307 -12.41 12.51 26.32
N TYR B 308 -11.52 13.23 27.01
CA TYR B 308 -10.08 12.96 26.90
C TYR B 308 -9.42 12.94 28.27
N VAL B 309 -8.50 12.00 28.45
CA VAL B 309 -7.71 11.86 29.67
C VAL B 309 -6.25 11.72 29.28
N ASP B 310 -5.35 12.33 30.07
CA ASP B 310 -3.92 12.19 29.81
C ASP B 310 -3.51 10.73 29.86
N SER B 311 -4.03 9.99 30.84
CA SER B 311 -3.82 8.57 30.97
C SER B 311 -5.06 7.97 31.60
N ILE B 312 -5.22 6.65 31.43
CA ILE B 312 -6.36 5.99 32.07
C ILE B 312 -6.27 6.15 33.57
N ALA B 313 -5.05 6.32 34.10
CA ALA B 313 -4.86 6.49 35.53
C ALA B 313 -5.57 7.72 36.08
N ASP B 314 -5.90 8.68 35.22
CA ASP B 314 -6.62 9.85 35.69
C ASP B 314 -8.03 9.50 36.16
N LEU B 315 -8.49 8.26 35.96
CA LEU B 315 -9.75 7.85 36.55
C LEU B 315 -9.61 7.48 38.03
N LEU B 316 -8.38 7.26 38.52
CA LEU B 316 -8.22 6.79 39.89
C LEU B 316 -8.82 7.72 40.93
N PRO B 317 -8.72 9.05 40.81
CA PRO B 317 -9.35 9.90 41.85
C PRO B 317 -10.83 9.63 42.02
N ALA B 318 -11.58 9.47 40.92
CA ALA B 318 -12.99 9.13 41.03
C ALA B 318 -13.18 7.71 41.58
N LEU B 319 -12.38 6.76 41.10
CA LEU B 319 -12.54 5.37 41.53
C LEU B 319 -12.06 5.15 42.95
N GLN B 320 -11.07 5.92 43.41
CA GLN B 320 -10.58 5.77 44.78
C GLN B 320 -11.56 6.33 45.80
N GLY B 321 -12.57 7.07 45.36
CA GLY B 321 -13.70 7.45 46.20
C GLY B 321 -13.98 6.46 47.30
O1 7VK C . 8.07 -2.37 -12.79
C7 7VK C . 8.09 -4.22 -16.03
O2 7VK C . 7.49 -4.41 -17.08
C3 7VK C . 4.83 -0.31 -15.64
C4 7VK C . 5.32 -0.94 -16.76
C5 7VK C . 6.36 -1.85 -16.66
C6 7VK C . 6.93 -2.12 -15.41
C1 7VK C . 6.45 -1.45 -14.27
C2 7VK C . 5.40 -0.55 -14.40
O3 7VK C . 11.52 -8.26 -14.02
C8 7VK C . 9.05 -5.24 -15.49
O4 7VK C . 15.45 -6.34 -9.36
C9 7VK C . 10.01 -5.84 -16.30
N 7VK C . 7.91 -3.13 -15.25
C 7VK C . 7.09 -1.61 -12.91
O 7VK C . 6.58 -0.96 -11.96
C10 7VK C . 10.83 -6.83 -15.80
C11 7VK C . 10.69 -7.24 -14.48
C12 7VK C . 12.43 -8.02 -12.99
C13 7VK C . 12.62 -6.74 -12.48
C14 7VK C . 13.61 -6.53 -11.54
C15 7VK C . 14.42 -7.58 -11.11
C16 7VK C . 15.50 -7.33 -10.10
C17 7VK C . 17.60 -8.29 -9.16
C18 7VK C . 17.70 -7.38 -8.11
C19 7VK C . 18.76 -7.49 -7.22
C20 7VK C . 19.70 -8.49 -7.37
C21 7VK C . 19.61 -9.38 -8.42
C22 7VK C . 18.57 -9.28 -9.34
C23 7VK C . 18.57 -10.24 -10.50
C24 7VK C . 14.22 -8.85 -11.63
C25 7VK C . 13.22 -9.07 -12.57
C26 7VK C . 9.74 -6.65 -13.66
C27 7VK C . 8.93 -5.65 -14.17
N1 7VK C . 16.51 -8.23 -10.07
O5 7VK C . 17.63 -10.18 -11.32
O6 7VK C . 19.53 -11.07 -10.58
H1 7VK C . 4.00 0.39 -15.72
H2 7VK C . 4.87 -0.74 -17.73
H3 7VK C . 6.70 -2.33 -17.57
H 7VK C . 5.01 -0.04 -13.51
H5 7VK C . 10.12 -5.53 -17.34
H4 7VK C . 8.50 -2.93 -14.45
H6 7VK C . 11.58 -7.30 -16.43
H7 7VK C . 12.00 -5.92 -12.82
H8 7VK C . 13.76 -5.53 -11.12
H10 7VK C . 16.99 -6.58 -7.94
H11 7VK C . 18.83 -6.77 -6.40
H12 7VK C . 20.51 -8.56 -6.65
H13 7VK C . 20.37 -10.16 -8.52
H14 7VK C . 14.83 -9.68 -11.30
H15 7VK C . 13.06 -10.06 -12.97
H16 7VK C . 9.64 -6.96 -12.62
H17 7VK C . 8.20 -5.19 -13.51
H9 7VK C . 16.56 -8.99 -10.74
O1 7VK D . 0.01 8.32 -5.71
C7 7VK D . 0.28 8.58 -9.34
O2 7VK D . 1.14 8.92 -10.14
C3 7VK D . 2.47 12.31 -6.69
C4 7VK D . 2.06 12.32 -8.00
C5 7VK D . 1.24 11.32 -8.49
C6 7VK D . 0.84 10.28 -7.65
C1 7VK D . 1.24 10.27 -6.30
C2 7VK D . 2.06 11.29 -5.84
O3 7VK D . -2.79 3.99 -10.66
C8 7VK D . -0.61 7.41 -9.64
O4 7VK D . -5.72 0.75 -5.96
C9 7VK D . -1.31 6.71 -8.66
N 7VK D . 0.07 9.19 -8.15
C 7VK D . 0.80 9.22 -5.31
O 7VK D . 1.23 9.31 -4.13
C10 7VK D . -2.05 5.59 -8.98
C11 7VK D . -2.11 5.15 -10.28
C12 7VK D . -3.57 3.30 -9.73
C13 7VK D . -2.98 2.53 -8.74
C14 7VK D . -3.77 1.79 -7.88
C15 7VK D . -5.16 1.80 -8.01
C16 7VK D . -6.03 0.94 -7.14
C17 7VK D . -8.11 -0.43 -7.17
C18 7VK D . -8.03 -0.85 -5.84
C19 7VK D . -9.02 -1.67 -5.32
C20 7VK D . -10.07 -2.08 -6.10
C21 7VK D . -10.16 -1.67 -7.42
C22 7VK D . -9.18 -0.85 -7.98
C23 7VK D . -9.33 -0.47 -9.43
C24 7VK D . -5.74 2.58 -9.01
C25 7VK D . -4.94 3.33 -9.87
C26 7VK D . -1.43 5.84 -11.28
C27 7VK D . -0.70 6.96 -10.96
N1 7VK D . -7.12 0.42 -7.73
O5 7VK D . -8.44 0.26 -9.94
O6 7VK D . -10.33 -0.90 -10.05
H1 7VK D . 3.12 13.10 -6.31
H2 7VK D . 2.37 13.14 -8.66
H3 7VK D . 0.94 11.37 -9.54
H 7VK D . 2.40 11.29 -4.79
H5 7VK D . -1.27 7.06 -7.62
H4 7VK D . -0.67 8.93 -7.51
H6 7VK D . -2.60 5.05 -8.20
H7 7VK D . -1.90 2.52 -8.62
H8 7VK D . -3.32 1.20 -7.10
H10 7VK D . -7.22 -0.55 -5.18
H11 7VK D . -8.95 -1.99 -4.29
H12 7VK D . -10.84 -2.72 -5.68
H13 7VK D . -11.00 -2.01 -8.03
H14 7VK D . -6.82 2.62 -9.12
H15 7VK D . -5.40 3.95 -10.64
H16 7VK D . -1.49 5.51 -12.31
H17 7VK D . -0.18 7.49 -11.75
H9 7VK D . -7.34 0.62 -8.70
C1 GOL E . 23.80 -6.78 -8.37
O1 GOL E . 23.66 -5.39 -8.37
C2 GOL E . 23.09 -7.32 -7.11
O2 GOL E . 23.58 -6.74 -5.95
C3 GOL E . 23.33 -8.84 -7.15
O3 GOL E . 22.69 -9.40 -6.03
H11 GOL E . 24.73 -7.06 -8.35
H12 GOL E . 23.42 -7.19 -9.16
HO1 GOL E . 23.82 -5.13 -7.58
H2 GOL E . 22.14 -7.11 -7.13
HO2 GOL E . 23.41 -7.27 -5.30
H31 GOL E . 24.29 -9.00 -7.17
H32 GOL E . 23.00 -9.19 -7.99
HO3 GOL E . 22.97 -10.20 -5.96
O1 7VK F . 0.24 -5.96 14.22
C7 7VK F . 1.64 -5.22 17.62
O2 7VK F . 1.66 -4.42 18.56
C3 7VK F . -2.19 -2.24 15.99
C4 7VK F . -1.67 -2.42 17.25
C5 7VK F . -0.74 -3.42 17.50
C6 7VK F . -0.32 -4.24 16.46
C1 7VK F . -0.87 -4.08 15.16
C2 7VK F . -1.80 -3.07 14.95
O3 7VK F . 5.81 -9.00 17.00
C8 7VK F . 2.70 -6.25 17.48
O4 7VK F . 4.73 -13.62 12.72
C9 7VK F . 3.14 -7.02 18.55
N 7VK F . 0.69 -5.21 16.65
C 7VK F . -0.54 -5.00 14.02
O 7VK F . -1.07 -4.75 12.90
C10 7VK F . 4.16 -7.94 18.40
C11 7VK F . 4.75 -8.11 17.14
C12 7VK F . 5.68 -10.13 16.20
C13 7VK F . 4.51 -10.39 15.50
C14 7VK F . 4.42 -11.52 14.71
C15 7VK F . 5.49 -12.40 14.61
C16 7VK F . 5.43 -13.61 13.74
C17 7VK F . 6.39 -15.89 13.46
C18 7VK F . 5.83 -16.13 12.20
C19 7VK F . 6.10 -17.32 11.55
C20 7VK F . 6.90 -18.27 12.13
C21 7VK F . 7.46 -18.06 13.38
C22 7VK F . 7.21 -16.86 14.07
C23 7VK F . 7.82 -16.70 15.43
C24 7VK F . 6.65 -12.13 15.31
C25 7VK F . 6.75 -11.00 16.12
C26 7VK F . 4.31 -7.36 16.07
C27 7VK F . 3.29 -6.44 16.23
N1 7VK F . 6.18 -14.67 14.14
O5 7VK F . 7.60 -15.64 16.05
O6 7VK F . 8.52 -17.65 15.88
H1 7VK F . -2.92 -1.45 15.80
H2 7VK F . -2.00 -1.77 18.06
H3 7VK F . -0.37 -3.51 18.51
H 7VK F . -2.21 -2.93 13.95
H5 7VK F . 2.69 -6.88 19.53
H4 7VK F . 0.63 -5.94 15.95
H6 7VK F . 4.51 -8.54 19.23
H7 7VK F . 3.66 -9.70 15.57
H8 7VK F . 3.51 -11.72 14.16
H10 7VK F . 5.19 -15.42 11.70
H11 7VK F . 5.66 -17.50 10.57
H12 7VK F . 7.11 -19.21 11.60
H13 7VK F . 8.09 -18.82 13.83
H14 7VK F . 7.50 -12.81 15.27
H15 7VK F . 7.66 -10.80 16.67
H16 7VK F . 4.77 -7.50 15.09
H17 7VK F . 2.97 -5.87 15.37
H9 7VK F . 6.68 -14.66 15.03
O1 7VK G . -1.71 9.98 8.20
C7 7VK G . -2.11 7.32 5.71
O2 7VK G . -2.04 7.07 4.51
C3 7VK G . 1.13 11.12 4.52
C4 7VK G . 1.00 9.88 3.95
C5 7VK G . 0.18 8.92 4.54
C6 7VK G . -0.50 9.21 5.71
C1 7VK G . -0.34 10.47 6.32
C2 7VK G . 0.47 11.43 5.71
O3 7VK G . -5.73 4.48 9.03
C8 7VK G . -3.07 6.59 6.60
O4 7VK G . -9.78 2.20 4.76
C9 7VK G . -3.78 7.26 7.59
N 7VK G . -1.36 8.27 6.33
C 7VK G . -1.00 10.84 7.63
O 7VK G . -0.80 11.99 8.08
C10 7VK G . -4.66 6.57 8.41
C11 7VK G . -4.84 5.21 8.24
C12 7VK G . -6.84 3.93 8.38
C13 7VK G . -7.17 4.40 7.13
C14 7VK G . -8.11 3.74 6.37
C15 7VK G . -8.72 2.59 6.85
C16 7VK G . -9.67 1.87 5.94
C17 7VK G . -11.36 -0.04 6.00
C18 7VK G . -12.36 -0.44 6.87
C19 7VK G . -13.52 -1.02 6.38
C20 7VK G . -13.69 -1.20 5.03
C21 7VK G . -12.68 -0.85 4.15
C22 7VK G . -11.49 -0.31 4.62
C23 7VK G . -10.34 -0.27 3.64
C24 7VK G . -8.40 2.13 8.12
C25 7VK G . -7.47 2.80 8.89
C26 7VK G . -4.12 4.53 7.26
C27 7VK G . -3.25 5.22 6.44
N1 7VK G . -10.42 0.89 6.53
O5 7VK G . -10.57 -0.68 2.47
O6 7VK G . -9.23 0.16 4.01
H1 7VK G . 1.76 11.88 4.06
H2 7VK G . 1.52 9.65 3.03
H3 7VK G . 0.11 7.96 4.04
H 7VK G . 0.59 12.41 6.16
H5 7VK G . -3.65 8.33 7.72
H4 7VK G . -1.35 8.38 7.33
H6 7VK G . -5.22 7.09 9.18
H7 7VK G . -6.70 5.31 6.74
H8 7VK G . -8.37 4.11 5.38
H10 7VK G . -12.29 -0.32 7.96
H11 7VK G . -14.30 -1.33 7.08
H12 7VK G . -14.62 -1.63 4.65
H13 7VK G . -12.83 -1.00 3.09
H14 7VK G . -8.88 1.24 8.53
H15 7VK G . -7.22 2.45 9.90
H16 7VK G . -4.25 3.46 7.13
H17 7VK G . -2.71 4.67 5.68
H9 7VK G . -10.37 0.75 7.53
C1 GOL H . -4.70 22.97 31.26
O1 GOL H . -3.61 22.17 30.89
C2 GOL H . -5.92 22.03 31.44
O2 GOL H . -6.19 21.31 30.29
C3 GOL H . -7.08 22.97 31.84
O3 GOL H . -8.21 22.16 32.03
H11 GOL H . -4.91 23.65 30.61
H12 GOL H . -4.54 23.44 32.10
HO1 GOL H . -3.94 21.44 30.60
H2 GOL H . -5.75 21.37 32.13
HO2 GOL H . -6.91 20.88 30.42
H31 GOL H . -7.20 23.64 31.15
H32 GOL H . -6.83 23.47 32.63
HO3 GOL H . -8.80 22.65 32.38
C1 GOL I . 4.63 -15.78 18.20
O1 GOL I . 5.93 -15.50 18.64
C2 GOL I . 3.89 -14.42 18.06
O2 GOL I . 2.55 -14.61 17.75
C3 GOL I . 4.10 -13.70 19.41
O3 GOL I . 3.47 -12.45 19.31
H11 GOL I . 4.15 -16.34 18.82
H12 GOL I . 4.62 -16.23 17.34
HO1 GOL I . 6.43 -15.51 17.94
H2 GOL I . 4.28 -13.89 17.34
HO2 GOL I . 2.13 -13.90 17.96
H31 GOL I . 5.06 -13.63 19.58
H32 GOL I . 3.75 -14.25 20.12
HO3 GOL I . 3.61 -12.04 20.05
K K J . 1.19 11.19 21.78
#